data_5U51
#
_entry.id   5U51
#
_cell.length_a   57.620
_cell.length_b   111.560
_cell.length_c   141.510
_cell.angle_alpha   90.00
_cell.angle_beta   90.00
_cell.angle_gamma   90.00
#
_symmetry.space_group_name_H-M   'P 21 21 21'
#
loop_
_entity.id
_entity.type
_entity.pdbx_description
1 polymer 'Stringent starvation protein A'
2 polymer 'Macrophage growth locus A'
3 non-polymer GLYCEROL
4 non-polymer 'PENTAETHYLENE GLYCOL'
5 non-polymer 'MAGNESIUM ION'
6 non-polymer "GUANOSINE-5',3'-TETRAPHOSPHATE"
7 water water
#
loop_
_entity_poly.entity_id
_entity_poly.type
_entity_poly.pdbx_seq_one_letter_code
_entity_poly.pdbx_strand_id
1 'polypeptide(L)'
;SNAMVTLYTTKYCPYSLRARIALAEKKMSTDIVEAGDLEPAMIKKITPNGVFPVLMEKDYSINNRKALLIYIDERFPAPS
LLPNVVNERIKIRLSLDKIDNEWYPVLDQIRKHRSDQKMLESMFKDLKESLLAMEKAFTGSEFFISSGFTLADCYIAALI
ICLEAEGFIIDDEYGAIYEYKKRLFARDSVKKANIKGGAGESLLKTLRTHR
;
C,D
2 'polypeptide(L)'
;SNAMLLYTKKDDIYSDIVRMILLIKGANAKIVDVSKEENSKHLEELNIITPNGNIPTLSTDDFAVYRLSVIIEAIEDLYP
FPPMFPVFPKQRANARILLEYVNKTFLQNIIKLQSPDLDEKQANEIKMLMQRDIISTYKKIVSEREVNAESNPDAQNINV
LTLIITFVFYYFIKLKISIPTKDKNIIKEIKELLSEPNFIKTIK
;
A,B
#
loop_
_chem_comp.id
_chem_comp.type
_chem_comp.name
_chem_comp.formula
1PE non-polymer 'PENTAETHYLENE GLYCOL' 'C10 H22 O6'
G4P RNA linking GUANOSINE-5',3'-TETRAPHOSPHATE 'C10 H17 N5 O17 P4'
GOL non-polymer GLYCEROL 'C3 H8 O3'
MG non-polymer 'MAGNESIUM ION' 'Mg 2'
#
# COMPACT_ATOMS: atom_id res chain seq x y z
N SER A 1 -34.52 -3.66 27.35
CA SER A 1 -34.41 -4.87 28.15
C SER A 1 -33.09 -4.91 28.93
N ASN A 2 -32.44 -6.07 28.90
CA ASN A 2 -31.19 -6.28 29.63
C ASN A 2 -29.96 -6.06 28.76
N ALA A 3 -30.14 -5.65 27.50
CA ALA A 3 -29.00 -5.43 26.62
C ALA A 3 -28.26 -4.15 27.01
N MET A 4 -26.94 -4.17 26.83
CA MET A 4 -26.12 -3.00 27.17
C MET A 4 -26.48 -1.82 26.28
N VAL A 5 -26.55 -2.04 24.97
CA VAL A 5 -26.84 -0.98 24.00
C VAL A 5 -27.83 -1.51 22.97
N THR A 6 -28.59 -0.58 22.38
CA THR A 6 -29.53 -0.89 21.32
C THR A 6 -29.12 -0.10 20.08
N LEU A 7 -28.86 -0.80 18.99
CA LEU A 7 -28.42 -0.20 17.74
C LEU A 7 -29.58 -0.22 16.75
N TYR A 8 -30.16 0.95 16.48
CA TYR A 8 -31.18 1.08 15.45
C TYR A 8 -30.49 1.23 14.10
N THR A 9 -30.64 0.26 13.23
CA THR A 9 -29.95 0.22 11.95
C THR A 9 -30.94 0.46 10.82
N THR A 10 -30.39 0.67 9.62
CA THR A 10 -31.16 0.81 8.40
C THR A 10 -30.56 -0.09 7.34
N LYS A 11 -31.41 -0.72 6.53
CA LYS A 11 -30.96 -1.76 5.61
C LYS A 11 -30.08 -1.18 4.51
N TYR A 12 -29.09 -1.97 4.10
CA TYR A 12 -28.21 -1.63 2.98
C TYR A 12 -27.47 -0.32 3.21
N CYS A 13 -27.05 -0.09 4.46
CA CYS A 13 -26.31 1.11 4.84
C CYS A 13 -24.94 0.72 5.37
N PRO A 14 -23.84 1.23 4.80
CA PRO A 14 -22.53 0.89 5.36
C PRO A 14 -22.31 1.45 6.76
N TYR A 15 -22.90 2.59 7.08
CA TYR A 15 -22.78 3.14 8.42
C TYR A 15 -23.46 2.26 9.46
N SER A 16 -24.46 1.47 9.05
CA SER A 16 -25.08 0.52 9.96
C SER A 16 -24.26 -0.77 10.08
N LEU A 17 -23.65 -1.22 8.97
CA LEU A 17 -22.82 -2.41 9.03
C LEU A 17 -21.53 -2.13 9.80
N ARG A 18 -20.97 -0.93 9.65
CA ARG A 18 -19.80 -0.54 10.43
C ARG A 18 -20.04 -0.74 11.92
N ALA A 19 -21.13 -0.15 12.45
CA ALA A 19 -21.41 -0.28 13.87
C ALA A 19 -21.57 -1.73 14.28
N ARG A 20 -22.30 -2.51 13.48
CA ARG A 20 -22.55 -3.91 13.84
C ARG A 20 -21.26 -4.70 13.86
N ILE A 21 -20.39 -4.52 12.87
CA ILE A 21 -19.13 -5.25 12.84
C ILE A 21 -18.29 -4.91 14.06
N ALA A 22 -18.28 -3.65 14.48
CA ALA A 22 -17.47 -3.25 15.63
C ALA A 22 -18.09 -3.73 16.94
N LEU A 23 -19.39 -3.50 17.13
CA LEU A 23 -20.04 -3.97 18.35
C LEU A 23 -19.92 -5.48 18.50
N ALA A 24 -19.82 -6.21 17.39
CA ALA A 24 -19.61 -7.65 17.48
C ALA A 24 -18.18 -7.97 17.87
N GLU A 25 -17.21 -7.28 17.25
CA GLU A 25 -15.81 -7.47 17.62
C GLU A 25 -15.59 -7.24 19.11
N LYS A 26 -16.22 -6.20 19.66
CA LYS A 26 -16.09 -5.89 21.08
C LYS A 26 -16.81 -6.89 21.96
N LYS A 27 -17.74 -7.66 21.41
CA LYS A 27 -18.56 -8.61 22.16
C LYS A 27 -19.51 -7.93 23.13
N MET A 28 -19.86 -6.68 22.87
CA MET A 28 -20.83 -5.97 23.70
C MET A 28 -22.24 -6.46 23.39
N SER A 29 -22.98 -6.82 24.44
CA SER A 29 -24.35 -7.31 24.26
C SER A 29 -25.23 -6.21 23.69
N THR A 30 -25.75 -6.44 22.48
CA THR A 30 -26.51 -5.44 21.75
C THR A 30 -27.85 -6.01 21.32
N ASP A 31 -28.86 -5.13 21.31
CA ASP A 31 -30.14 -5.40 20.67
C ASP A 31 -30.19 -4.60 19.39
N ILE A 32 -30.42 -5.27 18.27
CA ILE A 32 -30.43 -4.63 16.95
C ILE A 32 -31.88 -4.46 16.52
N VAL A 33 -32.28 -3.21 16.30
CA VAL A 33 -33.63 -2.86 15.87
C VAL A 33 -33.53 -2.28 14.45
N GLU A 34 -34.11 -2.97 13.49
CA GLU A 34 -34.05 -2.52 12.10
C GLU A 34 -34.98 -1.33 11.87
N ALA A 35 -34.51 -0.36 11.10
CA ALA A 35 -35.33 0.77 10.71
C ALA A 35 -36.35 0.33 9.67
N GLY A 36 -37.41 1.13 9.53
CA GLY A 36 -38.51 0.78 8.65
C GLY A 36 -39.46 -0.20 9.32
N ASP A 37 -38.91 -1.02 10.21
CA ASP A 37 -39.69 -1.90 11.08
C ASP A 37 -40.31 -1.15 12.25
N LEU A 38 -40.09 0.16 12.34
CA LEU A 38 -40.63 1.00 13.40
C LEU A 38 -41.82 1.81 12.88
N GLU A 39 -42.59 2.34 13.83
CA GLU A 39 -43.68 3.24 13.47
C GLU A 39 -43.10 4.56 12.96
N PRO A 40 -43.64 5.11 11.87
CA PRO A 40 -43.12 6.39 11.35
C PRO A 40 -43.07 7.47 12.41
N ALA A 41 -43.89 7.34 13.45
CA ALA A 41 -43.85 8.29 14.56
C ALA A 41 -42.63 8.06 15.44
N MET A 42 -42.32 6.78 15.73
CA MET A 42 -41.17 6.49 16.58
C MET A 42 -39.85 6.78 15.89
N ILE A 43 -39.80 6.59 14.56
CA ILE A 43 -38.58 6.89 13.81
C ILE A 43 -38.12 8.33 14.07
N LYS A 44 -39.07 9.25 14.27
CA LYS A 44 -38.71 10.63 14.56
C LYS A 44 -38.34 10.84 16.02
N LYS A 45 -38.70 9.91 16.89
CA LYS A 45 -38.34 10.03 18.31
C LYS A 45 -36.91 9.57 18.56
N ILE A 46 -36.51 8.46 17.96
CA ILE A 46 -35.14 7.97 18.13
C ILE A 46 -34.14 8.93 17.51
N THR A 47 -34.32 9.21 16.22
CA THR A 47 -33.47 10.15 15.49
C THR A 47 -34.35 11.21 14.85
N PRO A 48 -34.38 12.43 15.40
CA PRO A 48 -35.27 13.46 14.82
C PRO A 48 -34.97 13.80 13.37
N ASN A 49 -33.76 13.53 12.90
CA ASN A 49 -33.37 13.89 11.54
C ASN A 49 -33.13 12.67 10.66
N GLY A 50 -33.70 11.52 11.02
CA GLY A 50 -33.61 10.32 10.22
C GLY A 50 -32.21 9.90 9.85
N VAL A 51 -31.24 10.21 10.72
CA VAL A 51 -29.85 9.82 10.49
C VAL A 51 -29.61 8.50 11.21
N PHE A 52 -29.27 7.47 10.44
CA PHE A 52 -28.93 6.17 11.02
C PHE A 52 -27.48 5.80 10.70
N PRO A 53 -26.91 4.87 11.47
CA PRO A 53 -27.58 4.20 12.59
C PRO A 53 -27.59 5.03 13.88
N VAL A 54 -28.35 4.56 14.88
CA VAL A 54 -28.42 5.20 16.19
C VAL A 54 -28.02 4.17 17.23
N LEU A 55 -27.14 4.59 18.15
CA LEU A 55 -26.67 3.73 19.24
C LEU A 55 -27.13 4.35 20.55
N MET A 56 -27.97 3.62 21.29
CA MET A 56 -28.55 4.10 22.53
C MET A 56 -28.04 3.29 23.71
N GLU A 57 -27.71 3.99 24.79
CA GLU A 57 -27.42 3.42 26.10
C GLU A 57 -28.41 4.01 27.11
N LYS A 58 -28.27 3.60 28.36
CA LYS A 58 -29.18 4.08 29.40
C LYS A 58 -29.13 5.60 29.50
N ASP A 59 -27.91 6.15 29.60
CA ASP A 59 -27.71 7.57 29.86
C ASP A 59 -27.33 8.37 28.63
N TYR A 60 -27.12 7.72 27.48
CA TYR A 60 -26.49 8.39 26.36
C TYR A 60 -27.04 7.84 25.04
N SER A 61 -27.12 8.72 24.05
CA SER A 61 -27.48 8.35 22.68
C SER A 61 -26.59 9.10 21.71
N ILE A 62 -26.22 8.43 20.62
CA ILE A 62 -25.29 9.01 19.65
C ILE A 62 -25.61 8.47 18.27
N ASN A 63 -25.61 9.37 17.28
CA ASN A 63 -25.84 8.97 15.89
C ASN A 63 -24.91 9.69 14.91
N ASN A 64 -23.93 10.45 15.40
CA ASN A 64 -22.96 11.10 14.52
C ASN A 64 -22.12 10.05 13.82
N ARG A 65 -22.10 10.09 12.49
CA ARG A 65 -21.42 9.05 11.72
C ARG A 65 -19.91 9.20 11.80
N LYS A 66 -19.40 10.43 11.77
CA LYS A 66 -17.97 10.66 11.79
C LYS A 66 -17.33 10.29 13.12
N ALA A 67 -18.12 10.14 14.19
CA ALA A 67 -17.57 9.91 15.51
C ALA A 67 -18.12 8.65 16.20
N LEU A 68 -19.06 7.94 15.58
CA LEU A 68 -19.70 6.81 16.25
C LEU A 68 -18.69 5.71 16.57
N LEU A 69 -18.08 5.12 15.54
CA LEU A 69 -17.17 4.01 15.76
C LEU A 69 -16.02 4.38 16.68
N ILE A 70 -15.55 5.63 16.61
CA ILE A 70 -14.50 6.05 17.53
C ILE A 70 -15.02 6.03 18.96
N TYR A 71 -16.32 6.21 19.16
CA TYR A 71 -16.90 6.10 20.48
C TYR A 71 -17.01 4.65 20.93
N ILE A 72 -17.44 3.76 20.03
CA ILE A 72 -17.51 2.35 20.38
C ILE A 72 -16.15 1.82 20.76
N ASP A 73 -15.10 2.31 20.09
CA ASP A 73 -13.75 1.86 20.40
C ASP A 73 -13.30 2.38 21.76
N GLU A 74 -13.69 3.60 22.12
CA GLU A 74 -13.28 4.16 23.41
C GLU A 74 -14.20 3.71 24.53
N ARG A 75 -15.49 3.51 24.25
CA ARG A 75 -16.42 3.10 25.29
C ARG A 75 -16.17 1.67 25.74
N PHE A 76 -15.92 0.76 24.80
CA PHE A 76 -15.60 -0.63 25.11
C PHE A 76 -14.15 -0.88 24.72
N PRO A 77 -13.19 -0.75 25.65
CA PRO A 77 -11.78 -0.67 25.23
C PRO A 77 -11.24 -1.94 24.59
N ALA A 78 -11.66 -3.11 25.06
CA ALA A 78 -11.08 -4.35 24.55
C ALA A 78 -12.07 -5.11 23.69
N PRO A 79 -11.59 -5.64 22.55
CA PRO A 79 -10.21 -5.44 22.11
C PRO A 79 -9.99 -4.12 21.38
N SER A 80 -8.79 -3.58 21.51
CA SER A 80 -8.46 -2.32 20.86
C SER A 80 -8.56 -2.46 19.34
N LEU A 81 -9.35 -1.58 18.72
CA LEU A 81 -9.51 -1.55 17.28
C LEU A 81 -8.69 -0.46 16.62
N LEU A 82 -7.69 0.10 17.32
CA LEU A 82 -6.72 1.01 16.76
C LEU A 82 -5.30 0.48 16.98
N PRO A 83 -4.37 0.81 16.09
CA PRO A 83 -3.00 0.32 16.24
C PRO A 83 -2.38 0.75 17.57
N ASN A 84 -1.41 -0.04 18.02
CA ASN A 84 -0.73 0.24 19.28
C ASN A 84 0.44 1.22 19.14
N VAL A 85 1.11 1.23 17.99
CA VAL A 85 2.23 2.14 17.77
C VAL A 85 1.70 3.50 17.31
N VAL A 86 2.36 4.57 17.76
CA VAL A 86 1.85 5.91 17.53
C VAL A 86 1.80 6.23 16.05
N ASN A 87 2.94 6.09 15.35
CA ASN A 87 2.97 6.44 13.94
C ASN A 87 1.90 5.71 13.15
N GLU A 88 1.65 4.44 13.50
CA GLU A 88 0.65 3.65 12.78
C GLU A 88 -0.77 4.11 13.11
N ARG A 89 -1.01 4.54 14.36
CA ARG A 89 -2.33 5.01 14.75
C ARG A 89 -2.64 6.38 14.16
N ILE A 90 -1.62 7.25 14.05
CA ILE A 90 -1.83 8.56 13.46
C ILE A 90 -2.27 8.45 12.00
N LYS A 91 -1.83 7.39 11.31
CA LYS A 91 -2.17 7.24 9.90
C LYS A 91 -3.56 6.64 9.72
N ILE A 92 -3.88 5.57 10.46
CA ILE A 92 -5.21 4.98 10.36
C ILE A 92 -6.28 6.04 10.62
N ARG A 93 -6.03 6.93 11.58
CA ARG A 93 -7.01 7.95 11.90
C ARG A 93 -7.21 8.92 10.74
N LEU A 94 -6.19 9.11 9.90
CA LEU A 94 -6.34 9.92 8.70
C LEU A 94 -7.00 9.14 7.57
N SER A 95 -6.64 7.86 7.41
CA SER A 95 -7.27 7.05 6.37
C SER A 95 -8.77 6.87 6.62
N LEU A 96 -9.21 7.01 7.87
CA LEU A 96 -10.64 6.95 8.15
C LEU A 96 -11.38 8.12 7.50
N ASP A 97 -10.84 9.33 7.63
CA ASP A 97 -11.43 10.47 6.92
C ASP A 97 -11.31 10.28 5.40
N LYS A 98 -10.20 9.70 4.94
CA LYS A 98 -10.05 9.43 3.51
C LYS A 98 -11.14 8.51 3.02
N ILE A 99 -11.40 7.43 3.77
CA ILE A 99 -12.40 6.45 3.34
C ILE A 99 -13.79 7.05 3.36
N ASP A 100 -14.14 7.76 4.43
CA ASP A 100 -15.47 8.36 4.53
C ASP A 100 -15.73 9.38 3.43
N ASN A 101 -14.68 10.09 2.98
CA ASN A 101 -14.86 11.19 2.05
C ASN A 101 -14.45 10.88 0.62
N GLU A 102 -13.62 9.86 0.40
CA GLU A 102 -13.17 9.53 -0.95
C GLU A 102 -13.78 8.25 -1.50
N TRP A 103 -14.12 7.28 -0.64
CA TRP A 103 -14.55 5.97 -1.08
C TRP A 103 -15.99 5.63 -0.75
N TYR A 104 -16.60 6.26 0.25
CA TYR A 104 -18.00 6.02 0.55
C TYR A 104 -18.90 6.77 -0.43
N PRO A 105 -18.58 8.01 -0.79
CA PRO A 105 -19.41 8.72 -1.78
C PRO A 105 -19.57 7.99 -3.10
N VAL A 106 -18.56 7.23 -3.53
CA VAL A 106 -18.66 6.49 -4.79
C VAL A 106 -19.76 5.45 -4.71
N LEU A 107 -20.05 4.93 -3.51
CA LEU A 107 -21.18 4.04 -3.35
C LEU A 107 -22.50 4.77 -3.62
N ASP A 108 -22.65 5.97 -3.05
CA ASP A 108 -23.86 6.75 -3.32
C ASP A 108 -23.99 7.07 -4.80
N GLN A 109 -22.86 7.29 -5.48
CA GLN A 109 -22.91 7.59 -6.90
C GLN A 109 -23.28 6.37 -7.74
N ILE A 110 -23.15 5.17 -7.18
CA ILE A 110 -23.65 3.99 -7.89
C ILE A 110 -25.16 3.87 -7.71
N ARG A 111 -25.70 4.36 -6.59
CA ARG A 111 -27.14 4.37 -6.40
C ARG A 111 -27.77 5.57 -7.10
N LYS A 112 -27.16 6.74 -6.96
CA LYS A 112 -27.76 7.95 -7.51
C LYS A 112 -27.72 7.97 -9.03
N HIS A 113 -26.57 7.64 -9.62
CA HIS A 113 -26.40 7.67 -11.06
C HIS A 113 -26.71 6.34 -11.73
N ARG A 114 -27.46 5.45 -11.05
CA ARG A 114 -28.06 4.30 -11.75
C ARG A 114 -29.18 4.72 -12.72
N SER A 115 -29.33 6.04 -12.89
CA SER A 115 -30.32 6.62 -13.79
C SER A 115 -29.73 7.06 -15.12
N ASP A 116 -28.42 6.94 -15.29
CA ASP A 116 -27.76 7.29 -16.54
C ASP A 116 -27.48 6.03 -17.35
N GLN A 117 -27.78 6.09 -18.64
CA GLN A 117 -27.78 4.89 -19.48
C GLN A 117 -26.51 4.06 -19.28
N LYS A 118 -25.35 4.62 -19.63
CA LYS A 118 -24.07 3.91 -19.54
C LYS A 118 -23.14 4.53 -18.51
N MET A 119 -23.72 5.17 -17.47
CA MET A 119 -22.89 5.75 -16.42
C MET A 119 -22.35 4.68 -15.47
N LEU A 120 -23.20 3.72 -15.08
CA LEU A 120 -22.74 2.66 -14.20
C LEU A 120 -21.56 1.91 -14.80
N GLU A 121 -21.65 1.55 -16.08
CA GLU A 121 -20.56 0.84 -16.73
C GLU A 121 -19.25 1.63 -16.61
N SER A 122 -19.31 2.95 -16.82
CA SER A 122 -18.10 3.76 -16.69
C SER A 122 -17.62 3.83 -15.25
N MET A 123 -18.52 3.68 -14.29
CA MET A 123 -18.14 3.79 -12.88
C MET A 123 -17.50 2.50 -12.37
N PHE A 124 -18.01 1.34 -12.79
CA PHE A 124 -17.38 0.08 -12.41
C PHE A 124 -15.96 0.01 -12.94
N LYS A 125 -15.72 0.55 -14.13
CA LYS A 125 -14.37 0.53 -14.70
C LYS A 125 -13.44 1.45 -13.91
N ASP A 126 -13.91 2.64 -13.53
CA ASP A 126 -13.08 3.55 -12.76
C ASP A 126 -12.76 2.96 -11.39
N LEU A 127 -13.75 2.40 -10.70
CA LEU A 127 -13.51 1.79 -9.41
C LEU A 127 -12.58 0.59 -9.53
N LYS A 128 -12.73 -0.18 -10.61
CA LYS A 128 -11.86 -1.34 -10.81
C LYS A 128 -10.39 -0.92 -10.93
N GLU A 129 -10.12 0.06 -11.79
CA GLU A 129 -8.75 0.55 -11.93
C GLU A 129 -8.24 1.13 -10.61
N SER A 130 -9.09 1.86 -9.89
CA SER A 130 -8.68 2.42 -8.60
C SER A 130 -8.19 1.33 -7.67
N LEU A 131 -8.70 0.11 -7.80
CA LEU A 131 -8.28 -1.01 -6.95
C LEU A 131 -7.04 -1.70 -7.51
N LEU A 132 -7.11 -2.15 -8.76
CA LEU A 132 -5.97 -2.85 -9.36
C LEU A 132 -4.71 -2.00 -9.30
N ALA A 133 -4.85 -0.69 -9.51
CA ALA A 133 -3.72 0.21 -9.32
C ALA A 133 -3.34 0.36 -7.85
N MET A 134 -4.06 -0.30 -6.94
CA MET A 134 -3.75 -0.30 -5.53
C MET A 134 -3.48 -1.67 -4.95
N GLU A 135 -3.94 -2.74 -5.61
CA GLU A 135 -3.59 -4.08 -5.16
C GLU A 135 -2.09 -4.33 -5.24
N LYS A 136 -1.41 -3.67 -6.20
CA LYS A 136 0.04 -3.73 -6.26
C LYS A 136 0.69 -2.79 -5.26
N ALA A 137 0.07 -1.64 -5.00
CA ALA A 137 0.63 -0.68 -4.05
C ALA A 137 0.61 -1.23 -2.63
N PHE A 138 -0.30 -2.15 -2.34
CA PHE A 138 -0.46 -2.70 -1.00
C PHE A 138 -0.39 -4.21 -1.05
N THR A 139 0.48 -4.79 -0.23
CA THR A 139 0.64 -6.24 -0.16
C THR A 139 1.44 -6.57 1.10
N GLY A 140 1.43 -7.85 1.47
CA GLY A 140 2.29 -8.30 2.55
C GLY A 140 1.89 -7.82 3.93
N SER A 141 0.59 -7.74 4.20
CA SER A 141 0.09 -7.49 5.55
C SER A 141 -1.27 -8.16 5.69
N GLU A 142 -1.49 -8.77 6.85
CA GLU A 142 -2.73 -9.53 7.06
C GLU A 142 -3.95 -8.63 6.92
N PHE A 143 -3.98 -7.52 7.65
CA PHE A 143 -5.09 -6.59 7.63
C PHE A 143 -4.65 -5.26 7.02
N PHE A 144 -5.64 -4.40 6.77
CA PHE A 144 -5.41 -3.11 6.15
C PHE A 144 -4.39 -2.30 6.94
N ILE A 145 -3.23 -2.07 6.33
CA ILE A 145 -2.20 -1.17 6.84
C ILE A 145 -1.96 -1.37 8.33
N SER A 146 -1.83 -2.62 8.77
CA SER A 146 -1.57 -2.90 10.18
C SER A 146 -1.46 -4.41 10.35
N SER A 147 -0.96 -4.81 11.52
CA SER A 147 -0.85 -6.23 11.83
C SER A 147 -2.16 -6.78 12.39
N GLY A 148 -3.00 -5.94 12.99
CA GLY A 148 -4.23 -6.39 13.60
C GLY A 148 -5.48 -5.81 12.99
N PHE A 149 -6.62 -6.44 13.28
CA PHE A 149 -7.91 -5.96 12.79
C PHE A 149 -8.21 -4.59 13.38
N THR A 150 -8.55 -3.65 12.50
CA THR A 150 -8.65 -2.23 12.86
C THR A 150 -10.01 -1.69 12.44
N LEU A 151 -10.29 -0.45 12.87
CA LEU A 151 -11.50 0.23 12.43
C LEU A 151 -11.53 0.36 10.91
N ALA A 152 -10.37 0.57 10.29
CA ALA A 152 -10.34 0.67 8.83
C ALA A 152 -10.88 -0.59 8.17
N ASP A 153 -10.79 -1.74 8.84
CA ASP A 153 -11.34 -2.96 8.26
C ASP A 153 -12.85 -3.02 8.40
N CYS A 154 -13.41 -2.42 9.47
CA CYS A 154 -14.86 -2.29 9.57
C CYS A 154 -15.39 -1.34 8.51
N TYR A 155 -14.76 -0.17 8.37
CA TYR A 155 -15.12 0.76 7.30
C TYR A 155 -15.14 0.05 5.95
N ILE A 156 -14.14 -0.78 5.67
CA ILE A 156 -13.99 -1.37 4.34
C ILE A 156 -14.91 -2.56 4.15
N ALA A 157 -15.01 -3.44 5.16
CA ALA A 157 -15.93 -4.57 5.07
C ALA A 157 -17.35 -4.09 4.78
N ALA A 158 -17.83 -3.15 5.59
CA ALA A 158 -19.16 -2.58 5.36
C ALA A 158 -19.30 -2.04 3.94
N LEU A 159 -18.30 -1.25 3.50
CA LEU A 159 -18.30 -0.83 2.10
C LEU A 159 -18.25 -2.03 1.16
N ILE A 160 -17.51 -3.09 1.49
CA ILE A 160 -17.48 -4.21 0.54
C ILE A 160 -18.82 -4.92 0.46
N ILE A 161 -19.49 -5.10 1.60
CA ILE A 161 -20.79 -5.77 1.60
C ILE A 161 -21.80 -4.97 0.78
N CYS A 162 -21.73 -3.63 0.83
CA CYS A 162 -22.74 -2.82 0.15
C CYS A 162 -22.49 -2.75 -1.35
N LEU A 163 -21.23 -2.61 -1.77
CA LEU A 163 -20.94 -2.69 -3.19
C LEU A 163 -21.32 -4.06 -3.76
N GLU A 164 -21.05 -5.13 -3.02
CA GLU A 164 -21.32 -6.49 -3.50
C GLU A 164 -22.80 -6.73 -3.75
N ALA A 165 -23.69 -5.97 -3.10
CA ALA A 165 -25.12 -6.03 -3.39
C ALA A 165 -25.52 -5.10 -4.53
N GLU A 166 -24.62 -4.25 -5.00
CA GLU A 166 -24.88 -3.37 -6.14
C GLU A 166 -24.33 -3.91 -7.45
N GLY A 167 -23.79 -5.13 -7.45
CA GLY A 167 -23.29 -5.76 -8.65
C GLY A 167 -21.78 -5.77 -8.76
N PHE A 168 -21.08 -4.90 -8.03
CA PHE A 168 -19.62 -4.82 -8.11
C PHE A 168 -19.03 -5.86 -7.16
N ILE A 169 -18.54 -6.97 -7.73
CA ILE A 169 -17.99 -8.08 -6.95
C ILE A 169 -16.48 -8.11 -7.12
N ILE A 170 -15.80 -8.50 -6.06
CA ILE A 170 -14.34 -8.58 -6.04
C ILE A 170 -13.91 -10.00 -6.40
N ASP A 171 -13.25 -10.14 -7.55
CA ASP A 171 -12.85 -11.42 -8.12
C ASP A 171 -11.37 -11.66 -7.87
N ASP A 172 -10.88 -12.78 -8.43
CA ASP A 172 -9.46 -13.09 -8.40
C ASP A 172 -8.63 -11.96 -9.01
N GLU A 173 -9.21 -11.22 -9.96
CA GLU A 173 -8.45 -10.20 -10.66
C GLU A 173 -7.82 -9.21 -9.68
N TYR A 174 -8.59 -8.77 -8.68
CA TYR A 174 -8.07 -8.18 -7.46
C TYR A 174 -7.49 -9.37 -6.74
N GLY A 175 -6.17 -9.49 -6.71
CA GLY A 175 -5.62 -10.67 -6.10
C GLY A 175 -5.25 -10.47 -4.65
N ALA A 176 -4.21 -9.67 -4.44
CA ALA A 176 -3.84 -9.24 -3.09
C ALA A 176 -5.05 -8.69 -2.34
N ILE A 177 -5.91 -7.94 -3.04
CA ILE A 177 -7.09 -7.37 -2.38
C ILE A 177 -8.16 -8.43 -2.18
N TYR A 178 -8.24 -9.42 -3.07
CA TYR A 178 -9.24 -10.47 -2.94
C TYR A 178 -8.91 -11.40 -1.77
N GLU A 179 -7.64 -11.74 -1.59
CA GLU A 179 -7.26 -12.52 -0.42
C GLU A 179 -7.56 -11.75 0.86
N TYR A 180 -7.31 -10.44 0.86
CA TYR A 180 -7.72 -9.60 1.98
C TYR A 180 -9.22 -9.62 2.16
N LYS A 181 -9.98 -9.74 1.06
CA LYS A 181 -11.44 -9.81 1.18
C LYS A 181 -11.89 -11.15 1.74
N LYS A 182 -11.18 -12.23 1.41
CA LYS A 182 -11.57 -13.55 1.92
C LYS A 182 -11.28 -13.68 3.41
N ARG A 183 -10.20 -13.03 3.88
CA ARG A 183 -9.89 -13.07 5.31
C ARG A 183 -10.88 -12.22 6.10
N LEU A 184 -11.32 -11.10 5.52
CA LEU A 184 -12.27 -10.23 6.20
C LEU A 184 -13.59 -10.95 6.41
N PHE A 185 -14.13 -11.56 5.36
CA PHE A 185 -15.41 -12.26 5.46
C PHE A 185 -15.32 -13.54 6.29
N ALA A 186 -14.12 -14.02 6.59
CA ALA A 186 -13.98 -15.19 7.45
C ALA A 186 -14.21 -14.85 8.92
N ARG A 187 -13.86 -13.64 9.34
CA ARG A 187 -14.05 -13.25 10.72
C ARG A 187 -15.52 -13.32 11.10
N ASP A 188 -15.78 -13.63 12.37
CA ASP A 188 -17.16 -13.75 12.83
C ASP A 188 -17.85 -12.39 12.89
N SER A 189 -17.11 -11.33 13.24
CA SER A 189 -17.71 -10.01 13.31
C SER A 189 -18.29 -9.60 11.95
N VAL A 190 -17.47 -9.71 10.90
CA VAL A 190 -17.93 -9.37 9.56
C VAL A 190 -18.94 -10.36 9.02
N LYS A 191 -18.99 -11.58 9.58
CA LYS A 191 -19.88 -12.61 9.07
C LYS A 191 -21.31 -12.41 9.55
N LYS A 192 -21.49 -12.06 10.83
CA LYS A 192 -22.83 -11.80 11.35
C LYS A 192 -23.48 -10.63 10.64
N ALA A 193 -22.70 -9.67 10.16
CA ALA A 193 -23.24 -8.49 9.50
C ALA A 193 -23.58 -8.71 8.04
N ASN A 194 -23.15 -9.83 7.45
CA ASN A 194 -23.34 -10.08 6.03
C ASN A 194 -24.56 -10.94 5.73
N ILE A 195 -25.35 -11.30 6.74
CA ILE A 195 -26.54 -12.11 6.54
C ILE A 195 -27.75 -11.45 7.17
N SER B 1 15.63 16.18 14.52
CA SER B 1 15.58 15.10 15.51
C SER B 1 14.14 14.92 15.98
N ASN B 2 13.63 15.88 16.74
CA ASN B 2 12.19 16.09 16.84
C ASN B 2 11.80 16.94 15.63
N ALA B 3 11.83 16.29 14.48
CA ALA B 3 11.81 17.01 13.20
C ALA B 3 10.60 17.92 13.07
N MET B 4 9.40 17.42 13.37
CA MET B 4 8.13 18.12 13.25
C MET B 4 8.16 19.43 12.46
N LEU B 5 7.58 19.41 11.27
CA LEU B 5 7.45 20.58 10.41
C LEU B 5 5.97 20.85 10.17
N LEU B 6 5.52 22.06 10.51
CA LEU B 6 4.12 22.45 10.34
C LEU B 6 4.00 23.47 9.23
N TYR B 7 3.30 23.09 8.16
CA TYR B 7 3.01 24.01 7.07
C TYR B 7 1.80 24.88 7.42
N THR B 8 1.93 26.19 7.30
CA THR B 8 0.85 27.11 7.65
C THR B 8 0.79 28.24 6.63
N LYS B 9 -0.19 29.12 6.82
CA LYS B 9 -0.30 30.38 6.07
C LYS B 9 -0.79 31.46 7.02
N LYS B 10 -0.35 32.69 6.77
CA LYS B 10 -0.72 33.81 7.63
C LYS B 10 -2.23 34.06 7.56
N ASP B 11 -2.78 34.53 8.68
CA ASP B 11 -4.20 34.84 8.81
C ASP B 11 -5.09 33.66 8.41
N ASP B 12 -4.59 32.44 8.61
CA ASP B 12 -5.36 31.22 8.40
C ASP B 12 -5.79 30.71 9.77
N ILE B 13 -7.09 30.68 10.01
CA ILE B 13 -7.58 30.33 11.35
C ILE B 13 -7.18 28.91 11.72
N TYR B 14 -7.11 28.01 10.75
CA TYR B 14 -6.70 26.64 11.04
C TYR B 14 -5.27 26.60 11.56
N SER B 15 -4.35 27.31 10.89
CA SER B 15 -2.96 27.30 11.32
C SER B 15 -2.79 27.97 12.68
N ASP B 16 -3.68 28.91 13.03
CA ASP B 16 -3.60 29.54 14.34
C ASP B 16 -4.03 28.58 15.44
N ILE B 17 -4.95 27.65 15.14
CA ILE B 17 -5.39 26.69 16.14
C ILE B 17 -4.31 25.66 16.41
N VAL B 18 -3.65 25.17 15.35
CA VAL B 18 -2.62 24.15 15.53
C VAL B 18 -1.38 24.75 16.19
N ARG B 19 -1.00 25.97 15.79
CA ARG B 19 0.15 26.61 16.42
C ARG B 19 -0.08 26.85 17.90
N MET B 20 -1.30 27.28 18.27
CA MET B 20 -1.60 27.48 19.69
C MET B 20 -1.55 26.16 20.46
N ILE B 21 -1.98 25.07 19.83
CA ILE B 21 -1.99 23.78 20.50
C ILE B 21 -0.56 23.24 20.64
N LEU B 22 0.27 23.45 19.62
CA LEU B 22 1.68 23.09 19.75
C LEU B 22 2.35 23.92 20.84
N LEU B 23 1.99 25.20 20.95
CA LEU B 23 2.54 26.02 22.02
C LEU B 23 2.16 25.47 23.38
N ILE B 24 0.90 25.09 23.56
CA ILE B 24 0.46 24.56 24.85
C ILE B 24 1.14 23.24 25.16
N LYS B 25 1.42 22.43 24.12
CA LYS B 25 2.10 21.15 24.33
C LYS B 25 3.59 21.30 24.55
N GLY B 26 4.16 22.48 24.32
CA GLY B 26 5.60 22.62 24.40
C GLY B 26 6.32 21.68 23.46
N ALA B 27 5.77 21.47 22.27
CA ALA B 27 6.29 20.51 21.31
C ALA B 27 7.30 21.17 20.38
N ASN B 28 8.29 20.38 19.96
CA ASN B 28 9.30 20.86 19.03
C ASN B 28 8.73 20.83 17.62
N ALA B 29 8.39 22.01 17.09
CA ALA B 29 7.82 22.11 15.76
C ALA B 29 8.43 23.32 15.06
N LYS B 30 8.69 23.18 13.77
CA LYS B 30 9.22 24.25 12.94
C LYS B 30 8.09 24.78 12.05
N ILE B 31 7.67 26.01 12.30
CA ILE B 31 6.57 26.61 11.54
C ILE B 31 7.11 27.13 10.22
N VAL B 32 6.35 26.90 9.15
CA VAL B 32 6.71 27.31 7.80
C VAL B 32 5.50 28.00 7.18
N ASP B 33 5.60 29.31 6.96
CA ASP B 33 4.52 30.08 6.34
C ASP B 33 4.71 30.00 4.83
N VAL B 34 3.96 29.11 4.18
CA VAL B 34 4.06 28.94 2.74
C VAL B 34 3.68 30.21 1.98
N SER B 35 3.00 31.15 2.65
CA SER B 35 2.65 32.41 1.98
C SER B 35 3.89 33.24 1.68
N LYS B 36 4.83 33.30 2.61
CA LYS B 36 6.05 34.06 2.39
C LYS B 36 6.79 33.57 1.16
N GLU B 37 7.36 34.52 0.40
CA GLU B 37 8.00 34.16 -0.86
C GLU B 37 9.25 33.31 -0.65
N GLU B 38 10.03 33.62 0.39
CA GLU B 38 11.27 32.90 0.64
C GLU B 38 11.02 31.40 0.86
N ASN B 39 9.82 31.04 1.31
CA ASN B 39 9.48 29.66 1.61
C ASN B 39 8.95 28.91 0.39
N SER B 40 9.29 29.36 -0.82
CA SER B 40 8.77 28.70 -2.02
C SER B 40 9.29 27.27 -2.14
N LYS B 41 10.50 27.00 -1.67
CA LYS B 41 11.03 25.64 -1.73
C LYS B 41 10.20 24.69 -0.87
N HIS B 42 9.71 25.16 0.27
CA HIS B 42 8.90 24.31 1.15
C HIS B 42 7.54 24.02 0.53
N LEU B 43 6.95 25.00 -0.15
CA LEU B 43 5.65 24.81 -0.79
C LEU B 43 5.73 23.72 -1.86
N GLU B 44 6.79 23.71 -2.65
CA GLU B 44 6.98 22.63 -3.62
C GLU B 44 6.90 21.27 -2.92
N GLU B 45 7.66 21.10 -1.84
CA GLU B 45 7.58 19.86 -1.06
C GLU B 45 6.18 19.64 -0.49
N LEU B 46 5.42 20.71 -0.26
CA LEU B 46 4.08 20.56 0.30
C LEU B 46 3.12 19.93 -0.71
N ASN B 47 3.13 20.43 -1.96
CA ASN B 47 2.30 19.83 -3.00
C ASN B 47 2.73 18.41 -3.34
N ILE B 48 3.88 17.96 -2.83
CA ILE B 48 4.31 16.59 -3.08
C ILE B 48 3.70 15.65 -2.05
N ILE B 49 3.65 16.07 -0.78
CA ILE B 49 3.26 15.20 0.31
C ILE B 49 1.79 15.32 0.69
N THR B 50 1.02 16.16 -0.01
CA THR B 50 -0.39 16.35 0.28
C THR B 50 -1.18 16.40 -1.03
N PRO B 51 -2.41 15.90 -1.04
CA PRO B 51 -3.16 15.86 -2.29
C PRO B 51 -3.42 17.23 -2.90
N ASN B 52 -3.63 18.26 -2.09
CA ASN B 52 -3.95 19.59 -2.60
C ASN B 52 -3.17 20.68 -1.87
N GLY B 53 -1.97 20.38 -1.41
CA GLY B 53 -1.21 21.32 -0.61
C GLY B 53 -2.01 21.81 0.58
N ASN B 54 -2.66 20.88 1.27
CA ASN B 54 -3.58 21.21 2.35
C ASN B 54 -2.90 22.10 3.39
N ILE B 55 -3.65 23.06 3.90
CA ILE B 55 -3.16 23.98 4.93
C ILE B 55 -4.12 23.97 6.11
N PRO B 56 -3.59 23.73 7.32
CA PRO B 56 -2.19 23.39 7.57
C PRO B 56 -1.90 21.90 7.43
N THR B 57 -0.63 21.52 7.51
CA THR B 57 -0.21 20.13 7.41
C THR B 57 0.91 19.87 8.40
N LEU B 58 0.76 18.82 9.21
CA LEU B 58 1.79 18.42 10.17
C LEU B 58 2.66 17.36 9.51
N SER B 59 3.93 17.68 9.27
CA SER B 59 4.85 16.80 8.56
C SER B 59 5.96 16.35 9.49
N THR B 60 6.16 15.03 9.55
CA THR B 60 7.25 14.44 10.30
C THR B 60 8.03 13.51 9.37
N ASP B 61 9.09 12.90 9.91
CA ASP B 61 9.85 11.94 9.12
C ASP B 61 9.00 10.74 8.70
N ASP B 62 7.86 10.52 9.38
CA ASP B 62 7.07 9.31 9.17
C ASP B 62 5.74 9.54 8.47
N PHE B 63 5.09 10.68 8.68
CA PHE B 63 3.73 10.88 8.18
C PHE B 63 3.54 12.31 7.70
N ALA B 64 2.36 12.55 7.10
CA ALA B 64 1.92 13.88 6.69
C ALA B 64 0.40 13.88 6.75
N VAL B 65 -0.16 14.42 7.83
CA VAL B 65 -1.59 14.46 8.08
C VAL B 65 -2.08 15.89 7.91
N TYR B 66 -3.30 16.07 7.39
CA TYR B 66 -3.72 17.41 6.97
C TYR B 66 -5.08 17.89 7.45
N ARG B 67 -5.97 17.03 7.94
CA ARG B 67 -7.24 17.57 8.43
C ARG B 67 -7.10 18.03 9.88
N LEU B 68 -7.93 19.01 10.26
CA LEU B 68 -7.85 19.58 11.60
C LEU B 68 -8.19 18.53 12.66
N SER B 69 -9.31 17.82 12.47
CA SER B 69 -9.66 16.76 13.42
C SER B 69 -8.58 15.70 13.50
N VAL B 70 -7.87 15.45 12.39
CA VAL B 70 -6.77 14.50 12.41
C VAL B 70 -5.55 15.10 13.10
N ILE B 71 -5.24 16.37 12.78
CA ILE B 71 -4.04 17.00 13.34
C ILE B 71 -4.13 17.10 14.85
N ILE B 72 -5.29 17.49 15.36
CA ILE B 72 -5.45 17.58 16.81
C ILE B 72 -5.26 16.21 17.45
N GLU B 73 -5.80 15.17 16.82
CA GLU B 73 -5.61 13.81 17.32
C GLU B 73 -4.14 13.41 17.31
N ALA B 74 -3.49 13.55 16.15
CA ALA B 74 -2.08 13.20 16.04
C ALA B 74 -1.25 13.92 17.08
N ILE B 75 -1.47 15.23 17.24
CA ILE B 75 -0.72 15.99 18.24
C ILE B 75 -0.93 15.38 19.63
N GLU B 76 -2.12 14.85 19.91
CA GLU B 76 -2.36 14.24 21.21
C GLU B 76 -1.55 12.96 21.38
N ASP B 77 -1.32 12.21 20.31
CA ASP B 77 -0.51 11.00 20.41
C ASP B 77 0.96 11.33 20.65
N LEU B 78 1.48 12.39 20.02
CA LEU B 78 2.90 12.71 20.14
C LEU B 78 3.22 13.46 21.42
N TYR B 79 2.26 14.22 21.95
CA TYR B 79 2.46 15.00 23.17
C TYR B 79 1.20 14.91 24.02
N PRO B 80 1.15 14.00 24.98
CA PRO B 80 -0.06 13.83 25.80
C PRO B 80 -0.20 14.84 26.92
N PHE B 81 0.81 15.66 27.20
CA PHE B 81 0.76 16.58 28.33
C PHE B 81 0.81 18.04 27.89
N PRO B 82 -0.19 18.82 28.30
CA PRO B 82 -1.35 18.32 29.04
C PRO B 82 -2.41 17.76 28.09
N PRO B 83 -3.35 16.98 28.61
CA PRO B 83 -4.41 16.42 27.75
C PRO B 83 -5.36 17.50 27.26
N MET B 84 -5.75 17.37 25.99
CA MET B 84 -6.68 18.33 25.37
C MET B 84 -8.13 17.88 25.45
N PHE B 85 -8.39 16.61 25.69
CA PHE B 85 -9.72 16.02 25.74
C PHE B 85 -10.04 15.53 27.14
N PRO B 86 -11.31 15.26 27.42
CA PRO B 86 -11.67 14.65 28.72
C PRO B 86 -11.26 13.19 28.78
N VAL B 87 -11.59 12.51 29.86
CA VAL B 87 -11.22 11.10 30.01
C VAL B 87 -12.38 10.14 29.72
N PHE B 88 -13.65 10.62 29.80
CA PHE B 88 -14.77 9.69 29.67
C PHE B 88 -15.28 9.63 28.23
N PRO B 89 -15.59 8.42 27.76
CA PRO B 89 -15.93 8.26 26.34
C PRO B 89 -17.09 9.13 25.88
N LYS B 90 -18.15 9.26 26.69
CA LYS B 90 -19.24 10.15 26.34
C LYS B 90 -18.74 11.56 26.08
N GLN B 91 -18.02 12.14 27.04
CA GLN B 91 -17.56 13.51 26.89
C GLN B 91 -16.66 13.68 25.68
N ARG B 92 -15.79 12.72 25.43
CA ARG B 92 -14.93 12.78 24.25
C ARG B 92 -15.75 12.77 22.97
N ALA B 93 -16.80 11.93 22.92
CA ALA B 93 -17.65 11.91 21.74
C ALA B 93 -18.32 13.26 21.52
N ASN B 94 -18.83 13.88 22.59
CA ASN B 94 -19.48 15.18 22.47
C ASN B 94 -18.48 16.24 22.02
N ALA B 95 -17.27 16.20 22.56
CA ALA B 95 -16.24 17.14 22.12
C ALA B 95 -15.96 16.98 20.63
N ARG B 96 -15.91 15.73 20.15
CA ARG B 96 -15.70 15.50 18.73
C ARG B 96 -16.90 15.97 17.90
N ILE B 97 -18.11 15.61 18.33
CA ILE B 97 -19.31 16.05 17.63
C ILE B 97 -19.35 17.58 17.57
N LEU B 98 -18.93 18.24 18.64
CA LEU B 98 -18.95 19.69 18.69
C LEU B 98 -17.86 20.29 17.80
N LEU B 99 -16.68 19.65 17.75
CA LEU B 99 -15.62 20.13 16.87
C LEU B 99 -16.07 20.10 15.41
N GLU B 100 -16.76 19.04 15.01
CA GLU B 100 -17.27 18.97 13.64
C GLU B 100 -18.24 20.10 13.36
N TYR B 101 -19.13 20.42 14.32
CA TYR B 101 -20.09 21.49 14.11
C TYR B 101 -19.39 22.84 13.98
N VAL B 102 -18.44 23.11 14.88
CA VAL B 102 -17.75 24.40 14.82
C VAL B 102 -16.91 24.51 13.55
N ASN B 103 -16.43 23.38 13.01
CA ASN B 103 -15.64 23.45 11.79
C ASN B 103 -16.51 23.73 10.57
N LYS B 104 -17.67 23.08 10.48
CA LYS B 104 -18.51 23.27 9.30
C LYS B 104 -19.31 24.56 9.35
N THR B 105 -19.69 25.01 10.56
CA THR B 105 -20.50 26.22 10.68
C THR B 105 -19.66 27.49 10.62
N PHE B 106 -18.48 27.49 11.24
CA PHE B 106 -17.66 28.68 11.35
C PHE B 106 -16.35 28.56 10.60
N LEU B 107 -15.50 27.58 10.94
CA LEU B 107 -14.17 27.51 10.35
C LEU B 107 -14.23 27.44 8.84
N GLN B 108 -15.16 26.65 8.28
CA GLN B 108 -15.26 26.55 6.83
C GLN B 108 -15.78 27.84 6.20
N ASN B 109 -16.67 28.55 6.90
CA ASN B 109 -17.22 29.78 6.35
C ASN B 109 -16.26 30.95 6.51
N ILE B 110 -15.49 30.98 7.60
CA ILE B 110 -14.47 32.02 7.74
C ILE B 110 -13.49 31.95 6.57
N ILE B 111 -13.26 30.75 6.02
CA ILE B 111 -12.36 30.60 4.89
C ILE B 111 -13.06 31.00 3.59
N LYS B 112 -14.37 30.79 3.49
CA LYS B 112 -15.09 31.25 2.30
C LYS B 112 -15.10 32.76 2.22
N LEU B 113 -15.30 33.44 3.35
CA LEU B 113 -15.34 34.90 3.34
C LEU B 113 -14.01 35.52 2.92
N GLN B 114 -12.91 34.80 3.07
CA GLN B 114 -11.61 35.34 2.67
C GLN B 114 -11.35 35.17 1.18
N SER B 115 -12.28 34.62 0.43
CA SER B 115 -12.11 34.47 -1.01
C SER B 115 -12.33 35.81 -1.70
N PRO B 116 -11.41 36.26 -2.56
CA PRO B 116 -11.59 37.53 -3.27
C PRO B 116 -12.61 37.48 -4.40
N ASP B 117 -13.16 36.30 -4.71
CA ASP B 117 -14.15 36.15 -5.76
C ASP B 117 -15.55 35.94 -5.22
N LEU B 118 -15.73 35.95 -3.90
CA LEU B 118 -17.04 35.69 -3.31
C LEU B 118 -17.95 36.90 -3.52
N ASP B 119 -19.12 36.64 -4.09
CA ASP B 119 -20.07 37.72 -4.36
C ASP B 119 -20.47 38.40 -3.06
N GLU B 120 -20.73 39.72 -3.16
CA GLU B 120 -21.05 40.49 -1.96
C GLU B 120 -22.33 39.99 -1.29
N LYS B 121 -23.34 39.62 -2.10
CA LYS B 121 -24.59 39.16 -1.52
C LYS B 121 -24.41 37.84 -0.78
N GLN B 122 -23.50 36.99 -1.25
CA GLN B 122 -23.24 35.73 -0.55
C GLN B 122 -22.46 35.96 0.74
N ALA B 123 -21.40 36.78 0.67
CA ALA B 123 -20.61 37.06 1.86
C ALA B 123 -21.49 37.54 3.01
N ASN B 124 -22.43 38.45 2.72
CA ASN B 124 -23.28 38.99 3.77
C ASN B 124 -24.23 37.93 4.32
N GLU B 125 -24.74 37.05 3.46
CA GLU B 125 -25.56 35.94 3.94
C GLU B 125 -24.74 34.91 4.71
N ILE B 126 -23.44 34.86 4.49
CA ILE B 126 -22.59 33.96 5.26
C ILE B 126 -22.35 34.50 6.66
N LYS B 127 -22.03 35.80 6.76
CA LYS B 127 -21.80 36.39 8.07
C LYS B 127 -23.04 36.32 8.96
N MET B 128 -24.24 36.42 8.36
CA MET B 128 -25.46 36.37 9.16
C MET B 128 -25.74 34.95 9.64
N LEU B 129 -25.42 33.94 8.84
CA LEU B 129 -25.57 32.56 9.29
C LEU B 129 -24.70 32.30 10.52
N MET B 130 -23.49 32.86 10.53
CA MET B 130 -22.60 32.67 11.67
C MET B 130 -23.07 33.46 12.88
N GLN B 131 -23.69 34.63 12.67
CA GLN B 131 -24.14 35.46 13.78
C GLN B 131 -25.32 34.84 14.51
N ARG B 132 -26.13 34.04 13.82
CA ARG B 132 -27.32 33.47 14.44
C ARG B 132 -26.98 32.37 15.43
N ASP B 133 -25.86 31.67 15.22
CA ASP B 133 -25.55 30.47 16.00
C ASP B 133 -24.34 30.61 16.90
N ILE B 134 -23.62 31.73 16.83
CA ILE B 134 -22.38 31.84 17.59
C ILE B 134 -22.66 31.82 19.10
N ILE B 135 -23.63 32.61 19.55
CA ILE B 135 -23.93 32.67 20.98
C ILE B 135 -24.41 31.31 21.48
N SER B 136 -25.37 30.71 20.78
CA SER B 136 -25.85 29.39 21.15
C SER B 136 -24.72 28.36 21.16
N THR B 137 -23.78 28.48 20.22
CA THR B 137 -22.63 27.58 20.21
C THR B 137 -21.76 27.80 21.44
N TYR B 138 -21.41 29.07 21.72
CA TYR B 138 -20.55 29.35 22.86
C TYR B 138 -21.16 28.84 24.16
N LYS B 139 -22.49 28.97 24.30
CA LYS B 139 -23.13 28.48 25.52
C LYS B 139 -22.96 26.98 25.67
N LYS B 140 -23.04 26.24 24.56
CA LYS B 140 -22.89 24.79 24.64
C LYS B 140 -21.46 24.39 24.96
N ILE B 141 -20.48 25.12 24.40
CA ILE B 141 -19.09 24.84 24.71
C ILE B 141 -18.84 24.97 26.21
N VAL B 142 -19.30 26.08 26.79
CA VAL B 142 -19.15 26.28 28.23
C VAL B 142 -19.92 25.20 29.00
N SER B 143 -21.11 24.83 28.50
CA SER B 143 -21.90 23.81 29.17
C SER B 143 -21.14 22.50 29.25
N GLU B 144 -20.53 22.07 28.14
CA GLU B 144 -19.77 20.83 28.15
C GLU B 144 -18.52 20.95 29.00
N ARG B 145 -17.92 22.14 29.06
CA ARG B 145 -16.71 22.31 29.87
C ARG B 145 -17.02 22.20 31.35
N GLU B 146 -18.13 22.79 31.80
CA GLU B 146 -18.49 22.72 33.20
C GLU B 146 -18.79 21.29 33.62
N VAL B 147 -19.45 20.52 32.76
CA VAL B 147 -19.75 19.13 33.06
C VAL B 147 -18.46 18.33 33.20
N ASN B 148 -17.58 18.42 32.21
CA ASN B 148 -16.37 17.61 32.21
C ASN B 148 -15.47 17.95 33.37
N ALA B 149 -15.40 19.23 33.75
CA ALA B 149 -14.56 19.62 34.89
C ALA B 149 -15.15 19.11 36.20
N GLU B 150 -16.48 19.14 36.33
CA GLU B 150 -17.12 18.69 37.55
C GLU B 150 -17.08 17.17 37.70
N SER B 151 -17.18 16.44 36.59
CA SER B 151 -17.20 14.98 36.67
C SER B 151 -15.85 14.41 37.07
N ASN B 152 -14.76 15.12 36.79
CA ASN B 152 -13.41 14.71 37.17
C ASN B 152 -12.64 15.94 37.62
N PRO B 153 -12.85 16.39 38.86
CA PRO B 153 -12.16 17.60 39.34
C PRO B 153 -10.65 17.45 39.41
N ASP B 154 -10.12 16.22 39.50
CA ASP B 154 -8.70 16.00 39.55
C ASP B 154 -8.07 15.77 38.18
N ALA B 155 -8.87 15.59 37.13
CA ALA B 155 -8.29 15.31 35.81
C ALA B 155 -7.54 16.53 35.29
N GLN B 156 -8.11 17.73 35.46
CA GLN B 156 -7.40 18.97 35.16
C GLN B 156 -6.86 18.99 33.73
N ASN B 157 -7.76 18.77 32.77
CA ASN B 157 -7.40 18.85 31.36
C ASN B 157 -7.87 20.18 30.77
N ILE B 158 -7.43 20.43 29.54
CA ILE B 158 -7.76 21.66 28.81
C ILE B 158 -8.90 21.37 27.85
N ASN B 159 -9.68 22.40 27.57
CA ASN B 159 -10.86 22.28 26.71
C ASN B 159 -10.50 22.86 25.34
N VAL B 160 -10.18 21.97 24.38
CA VAL B 160 -9.78 22.42 23.06
C VAL B 160 -10.90 23.21 22.38
N LEU B 161 -12.15 22.89 22.68
CA LEU B 161 -13.25 23.64 22.09
C LEU B 161 -13.21 25.10 22.53
N THR B 162 -12.85 25.35 23.79
CA THR B 162 -12.67 26.73 24.24
C THR B 162 -11.53 27.41 23.49
N LEU B 163 -10.46 26.66 23.22
CA LEU B 163 -9.34 27.19 22.45
C LEU B 163 -9.75 27.51 21.02
N ILE B 164 -10.55 26.64 20.41
CA ILE B 164 -10.98 26.85 19.03
C ILE B 164 -11.94 28.03 18.93
N ILE B 165 -12.88 28.13 19.87
CA ILE B 165 -13.88 29.19 19.79
C ILE B 165 -13.25 30.55 20.00
N THR B 166 -12.20 30.63 20.82
CA THR B 166 -11.47 31.89 20.97
C THR B 166 -11.06 32.45 19.62
N PHE B 167 -10.54 31.60 18.73
CA PHE B 167 -10.13 32.08 17.42
C PHE B 167 -11.32 32.45 16.56
N VAL B 168 -12.47 31.81 16.77
CA VAL B 168 -13.68 32.23 16.06
C VAL B 168 -14.02 33.67 16.39
N PHE B 169 -14.11 33.98 17.70
CA PHE B 169 -14.35 35.36 18.12
C PHE B 169 -13.30 36.29 17.54
N TYR B 170 -12.03 35.91 17.64
CA TYR B 170 -10.95 36.74 17.09
C TYR B 170 -11.19 37.07 15.62
N TYR B 171 -11.58 36.06 14.83
CA TYR B 171 -11.81 36.29 13.41
C TYR B 171 -13.14 36.99 13.15
N PHE B 172 -14.11 36.83 14.05
CA PHE B 172 -15.31 37.66 14.00
C PHE B 172 -14.93 39.14 13.99
N ILE B 173 -14.08 39.55 14.93
CA ILE B 173 -13.65 40.94 14.99
C ILE B 173 -12.80 41.29 13.78
N LYS B 174 -11.86 40.43 13.40
CA LYS B 174 -11.01 40.71 12.25
C LYS B 174 -11.83 41.01 11.00
N LEU B 175 -12.96 40.31 10.84
CA LEU B 175 -13.82 40.45 9.68
C LEU B 175 -14.98 41.40 9.91
N LYS B 176 -14.97 42.13 11.03
CA LYS B 176 -15.99 43.14 11.32
C LYS B 176 -17.37 42.54 11.55
N ILE B 177 -17.43 41.29 11.97
CA ILE B 177 -18.70 40.63 12.26
C ILE B 177 -19.09 40.92 13.69
N SER B 178 -20.38 41.18 13.91
CA SER B 178 -20.87 41.52 15.23
C SER B 178 -21.12 40.27 16.05
N ILE B 179 -20.68 40.28 17.31
CA ILE B 179 -20.98 39.22 18.25
C ILE B 179 -22.29 39.57 18.94
N PRO B 180 -23.43 39.08 18.44
CA PRO B 180 -24.73 39.59 18.92
C PRO B 180 -25.07 39.14 20.34
N THR B 181 -24.76 39.98 21.32
CA THR B 181 -25.12 39.68 22.71
C THR B 181 -25.01 40.92 23.59
N LYS B 182 -26.10 41.29 24.26
CA LYS B 182 -26.11 42.36 25.25
C LYS B 182 -25.81 41.86 26.66
N ASP B 183 -25.60 40.55 26.83
CA ASP B 183 -25.25 40.01 28.12
C ASP B 183 -23.91 40.55 28.58
N LYS B 184 -23.89 41.12 29.80
CA LYS B 184 -22.65 41.71 30.30
C LYS B 184 -21.61 40.64 30.62
N ASN B 185 -22.04 39.45 31.04
CA ASN B 185 -21.10 38.42 31.45
C ASN B 185 -20.43 37.75 30.26
N ILE B 186 -21.19 37.42 29.23
CA ILE B 186 -20.60 36.80 28.05
C ILE B 186 -19.50 37.69 27.46
N ILE B 187 -19.71 39.01 27.49
CA ILE B 187 -18.68 39.92 27.00
C ILE B 187 -17.46 39.89 27.92
N LYS B 188 -17.69 39.78 29.23
CA LYS B 188 -16.58 39.63 30.17
C LYS B 188 -15.82 38.35 29.90
N GLU B 189 -16.54 37.23 29.79
CA GLU B 189 -15.88 35.95 29.50
C GLU B 189 -15.13 36.00 28.18
N ILE B 190 -15.80 36.45 27.11
CA ILE B 190 -15.11 36.63 25.84
C ILE B 190 -13.91 37.55 26.01
N LYS B 191 -14.08 38.62 26.80
CA LYS B 191 -12.98 39.55 27.03
C LYS B 191 -11.78 38.82 27.65
N GLU B 192 -12.01 38.08 28.73
CA GLU B 192 -10.94 37.30 29.34
C GLU B 192 -10.52 36.15 28.44
N LEU B 193 -11.44 35.64 27.62
CA LEU B 193 -11.12 34.52 26.74
C LEU B 193 -10.07 34.92 25.71
N LEU B 194 -10.15 36.14 25.18
CA LEU B 194 -9.15 36.64 24.24
C LEU B 194 -7.91 37.20 24.92
N SER B 195 -7.87 37.21 26.25
CA SER B 195 -6.76 37.77 27.01
C SER B 195 -5.83 36.70 27.57
N GLU B 196 -6.16 35.42 27.41
CA GLU B 196 -5.28 34.37 27.92
C GLU B 196 -3.88 34.55 27.34
N PRO B 197 -2.83 34.33 28.14
CA PRO B 197 -1.48 34.59 27.65
C PRO B 197 -1.09 33.76 26.44
N ASN B 198 -1.44 32.48 26.40
CA ASN B 198 -1.06 31.65 25.26
C ASN B 198 -1.72 32.13 23.97
N PHE B 199 -2.86 32.81 24.08
CA PHE B 199 -3.53 33.31 22.88
C PHE B 199 -2.84 34.56 22.32
N ILE B 200 -2.42 35.47 23.20
CA ILE B 200 -1.66 36.63 22.75
C ILE B 200 -0.37 36.19 22.05
N LYS B 201 0.33 35.21 22.63
CA LYS B 201 1.58 34.75 22.03
C LYS B 201 1.36 34.24 20.62
N THR B 202 0.15 33.75 20.31
CA THR B 202 -0.12 33.21 18.99
C THR B 202 -0.35 34.31 17.95
N ILE B 203 -0.79 35.48 18.39
CA ILE B 203 -1.08 36.58 17.48
C ILE B 203 -0.09 37.73 17.67
N ASN C 2 31.96 -8.44 13.67
CA ASN C 2 32.44 -9.80 13.54
C ASN C 2 31.90 -10.47 12.28
N ALA C 3 30.58 -10.67 12.24
CA ALA C 3 29.95 -11.34 11.12
C ALA C 3 30.06 -10.50 9.85
N MET C 4 30.18 -11.19 8.71
CA MET C 4 30.28 -10.51 7.43
C MET C 4 28.96 -9.85 7.04
N VAL C 5 27.86 -10.59 7.15
CA VAL C 5 26.54 -10.10 6.78
C VAL C 5 25.54 -10.47 7.86
N THR C 6 24.40 -9.79 7.84
CA THR C 6 23.30 -10.04 8.76
C THR C 6 22.04 -10.28 7.94
N LEU C 7 21.29 -11.33 8.29
CA LEU C 7 20.07 -11.69 7.58
C LEU C 7 18.88 -11.52 8.53
N TYR C 8 18.00 -10.58 8.22
CA TYR C 8 16.75 -10.40 8.96
C TYR C 8 15.68 -11.30 8.38
N THR C 9 15.06 -12.12 9.23
CA THR C 9 14.16 -13.17 8.79
C THR C 9 12.88 -13.17 9.62
N THR C 10 11.80 -13.66 9.01
CA THR C 10 10.54 -13.87 9.70
C THR C 10 10.50 -15.31 10.19
N LYS C 11 9.72 -15.53 11.24
CA LYS C 11 9.87 -16.73 12.07
C LYS C 11 9.77 -18.02 11.26
N TYR C 12 8.76 -18.11 10.39
CA TYR C 12 8.46 -19.34 9.65
C TYR C 12 8.18 -19.01 8.18
N CYS C 13 9.22 -18.58 7.46
CA CYS C 13 9.08 -18.19 6.07
C CYS C 13 9.99 -19.04 5.18
N PRO C 14 9.46 -19.67 4.13
CA PRO C 14 10.35 -20.42 3.22
C PRO C 14 11.35 -19.55 2.50
N TYR C 15 10.99 -18.30 2.18
CA TYR C 15 11.96 -17.39 1.58
C TYR C 15 13.09 -17.09 2.56
N SER C 16 12.78 -17.01 3.86
CA SER C 16 13.84 -16.80 4.86
C SER C 16 14.72 -18.03 4.99
N LEU C 17 14.12 -19.22 5.06
CA LEU C 17 14.91 -20.44 5.06
C LEU C 17 15.74 -20.55 3.79
N ARG C 18 15.13 -20.24 2.64
CA ARG C 18 15.84 -20.25 1.37
C ARG C 18 17.21 -19.60 1.49
N ALA C 19 17.24 -18.33 1.91
CA ALA C 19 18.50 -17.61 2.05
C ALA C 19 19.41 -18.27 3.08
N ARG C 20 18.84 -18.72 4.20
CA ARG C 20 19.66 -19.33 5.24
C ARG C 20 20.37 -20.58 4.72
N ILE C 21 19.64 -21.43 4.00
CA ILE C 21 20.27 -22.64 3.45
C ILE C 21 21.37 -22.26 2.46
N ALA C 22 21.13 -21.23 1.65
CA ALA C 22 22.14 -20.81 0.68
C ALA C 22 23.35 -20.19 1.37
N LEU C 23 23.12 -19.35 2.38
CA LEU C 23 24.23 -18.70 3.07
C LEU C 23 25.09 -19.69 3.82
N ALA C 24 24.49 -20.75 4.36
CA ALA C 24 25.27 -21.79 5.03
C ALA C 24 26.13 -22.54 4.03
N GLU C 25 25.58 -22.87 2.86
CA GLU C 25 26.36 -23.55 1.84
C GLU C 25 27.59 -22.75 1.46
N LYS C 26 27.48 -21.42 1.42
CA LYS C 26 28.60 -20.57 1.08
C LYS C 26 29.64 -20.47 2.19
N LYS C 27 29.24 -20.78 3.43
CA LYS C 27 30.14 -20.64 4.59
C LYS C 27 30.50 -19.19 4.84
N MET C 28 29.54 -18.28 4.62
CA MET C 28 29.69 -16.87 4.99
C MET C 28 29.21 -16.68 6.42
N SER C 29 30.14 -16.30 7.30
CA SER C 29 29.78 -15.92 8.66
C SER C 29 28.61 -14.94 8.62
N THR C 30 27.47 -15.37 9.16
CA THR C 30 26.25 -14.59 9.09
C THR C 30 25.53 -14.65 10.43
N ASP C 31 25.08 -13.49 10.89
CA ASP C 31 24.28 -13.38 12.10
C ASP C 31 22.81 -13.23 11.71
N ILE C 32 21.98 -14.15 12.19
CA ILE C 32 20.58 -14.24 11.79
C ILE C 32 19.75 -13.54 12.86
N VAL C 33 19.31 -12.32 12.57
CA VAL C 33 18.49 -11.54 13.49
C VAL C 33 17.02 -11.77 13.14
N GLU C 34 16.25 -12.22 14.11
CA GLU C 34 14.85 -12.55 13.86
C GLU C 34 14.02 -11.28 13.71
N ALA C 35 13.07 -11.32 12.79
CA ALA C 35 12.10 -10.24 12.70
C ALA C 35 11.18 -10.30 13.91
N GLY C 36 10.87 -9.13 14.47
CA GLY C 36 10.26 -9.02 15.76
C GLY C 36 11.23 -8.58 16.84
N ASP C 37 12.52 -8.85 16.65
CA ASP C 37 13.58 -8.21 17.41
C ASP C 37 13.97 -6.86 16.83
N LEU C 38 13.17 -6.32 15.90
CA LEU C 38 13.44 -5.05 15.26
C LEU C 38 12.35 -4.05 15.61
N GLU C 39 12.76 -2.85 15.99
CA GLU C 39 11.79 -1.80 16.25
C GLU C 39 11.00 -1.47 14.98
N PRO C 40 9.75 -1.03 15.11
CA PRO C 40 9.00 -0.59 13.92
C PRO C 40 9.72 0.48 13.13
N ALA C 41 10.56 1.29 13.78
CA ALA C 41 11.38 2.27 13.06
C ALA C 41 12.45 1.59 12.22
N MET C 42 12.97 0.45 12.68
CA MET C 42 13.98 -0.27 11.92
C MET C 42 13.38 -0.94 10.70
N ILE C 43 12.20 -1.55 10.85
CA ILE C 43 11.56 -2.23 9.73
C ILE C 43 11.31 -1.26 8.58
N LYS C 44 10.95 -0.01 8.89
CA LYS C 44 10.62 0.94 7.85
C LYS C 44 11.83 1.35 7.02
N LYS C 45 13.03 1.29 7.62
CA LYS C 45 14.22 1.74 6.89
C LYS C 45 14.72 0.67 5.93
N ILE C 46 14.88 -0.57 6.41
CA ILE C 46 15.52 -1.60 5.59
C ILE C 46 14.54 -2.18 4.57
N THR C 47 13.32 -2.51 4.99
CA THR C 47 12.32 -3.11 4.11
C THR C 47 11.01 -2.34 4.25
N PRO C 48 10.79 -1.34 3.40
CA PRO C 48 9.57 -0.52 3.55
C PRO C 48 8.29 -1.32 3.31
N ASN C 49 8.28 -2.20 2.32
CA ASN C 49 7.11 -3.02 2.04
C ASN C 49 6.95 -4.17 3.04
N GLY C 50 7.76 -4.22 4.08
CA GLY C 50 7.74 -5.36 4.98
C GLY C 50 8.01 -6.67 4.30
N VAL C 51 8.88 -6.67 3.29
CA VAL C 51 9.22 -7.88 2.54
C VAL C 51 10.45 -8.51 3.17
N PHE C 52 10.34 -9.77 3.58
CA PHE C 52 11.47 -10.50 4.14
C PHE C 52 11.79 -11.75 3.33
N PRO C 53 13.02 -12.28 3.49
CA PRO C 53 14.02 -11.72 4.40
C PRO C 53 14.80 -10.56 3.78
N VAL C 54 15.55 -9.85 4.62
CA VAL C 54 16.42 -8.76 4.18
C VAL C 54 17.86 -9.15 4.51
N LEU C 55 18.71 -9.15 3.50
CA LEU C 55 20.14 -9.35 3.68
C LEU C 55 20.82 -8.00 3.73
N MET C 56 21.64 -7.77 4.76
CA MET C 56 22.28 -6.47 4.99
C MET C 56 23.79 -6.65 5.09
N GLU C 57 24.50 -6.38 4.00
CA GLU C 57 25.91 -6.12 4.09
C GLU C 57 26.11 -4.73 4.68
N LYS C 58 27.34 -4.47 5.12
CA LYS C 58 27.68 -3.24 5.84
C LYS C 58 27.31 -2.02 5.00
N ASP C 59 26.12 -1.48 5.26
CA ASP C 59 25.53 -0.30 4.63
C ASP C 59 24.81 -0.63 3.32
N TYR C 60 24.87 -1.88 2.85
CA TYR C 60 24.10 -2.31 1.68
C TYR C 60 23.02 -3.28 2.13
N SER C 61 21.77 -2.98 1.78
CA SER C 61 20.64 -3.83 2.10
C SER C 61 19.94 -4.26 0.82
N ILE C 62 19.28 -5.41 0.89
CA ILE C 62 18.52 -5.92 -0.25
C ILE C 62 17.37 -6.76 0.30
N ASN C 63 16.16 -6.54 -0.25
CA ASN C 63 15.01 -7.32 0.12
C ASN C 63 14.25 -7.86 -1.09
N ASN C 64 14.65 -7.50 -2.31
CA ASN C 64 14.01 -8.02 -3.50
C ASN C 64 14.16 -9.54 -3.57
N ARG C 65 13.02 -10.24 -3.62
CA ARG C 65 13.07 -11.70 -3.58
C ARG C 65 13.69 -12.28 -4.85
N LYS C 66 13.35 -11.72 -6.01
CA LYS C 66 13.88 -12.26 -7.26
C LYS C 66 15.39 -12.12 -7.34
N ALA C 67 15.97 -11.10 -6.73
CA ALA C 67 17.38 -10.79 -6.86
C ALA C 67 18.20 -11.06 -5.61
N LEU C 68 17.57 -11.50 -4.51
CA LEU C 68 18.32 -11.71 -3.28
C LEU C 68 19.17 -12.97 -3.36
N LEU C 69 18.55 -14.11 -3.68
CA LEU C 69 19.31 -15.35 -3.77
C LEU C 69 20.39 -15.25 -4.85
N ILE C 70 20.07 -14.64 -5.99
CA ILE C 70 21.07 -14.46 -7.04
C ILE C 70 22.21 -13.59 -6.54
N TYR C 71 21.93 -12.71 -5.59
CA TYR C 71 22.98 -11.86 -5.03
C TYR C 71 23.91 -12.65 -4.11
N ILE C 72 23.35 -13.59 -3.34
CA ILE C 72 24.20 -14.42 -2.48
C ILE C 72 25.12 -15.28 -3.33
N ASP C 73 24.57 -15.93 -4.35
CA ASP C 73 25.39 -16.80 -5.18
C ASP C 73 26.48 -16.03 -5.93
N GLU C 74 26.18 -14.79 -6.35
CA GLU C 74 27.17 -14.01 -7.08
C GLU C 74 28.15 -13.31 -6.15
N ARG C 75 27.69 -12.87 -4.97
CA ARG C 75 28.57 -12.16 -4.04
C ARG C 75 29.62 -13.09 -3.45
N PHE C 76 29.25 -14.35 -3.21
CA PHE C 76 30.15 -15.40 -2.73
C PHE C 76 30.16 -16.50 -3.79
N PRO C 77 31.07 -16.45 -4.76
CA PRO C 77 30.94 -17.34 -5.93
C PRO C 77 31.11 -18.81 -5.63
N ALA C 78 31.85 -19.18 -4.58
CA ALA C 78 32.13 -20.59 -4.30
C ALA C 78 31.63 -21.03 -2.93
N PRO C 79 30.99 -22.21 -2.86
CA PRO C 79 30.69 -23.05 -4.02
C PRO C 79 29.57 -22.48 -4.86
N SER C 80 29.55 -22.77 -6.16
CA SER C 80 28.53 -22.23 -7.04
C SER C 80 27.22 -22.99 -6.87
N LEU C 81 26.14 -22.26 -6.58
CA LEU C 81 24.81 -22.84 -6.44
C LEU C 81 24.10 -23.06 -7.76
N LEU C 82 24.75 -22.73 -8.89
CA LEU C 82 24.21 -22.99 -10.21
C LEU C 82 25.11 -23.96 -10.98
N PRO C 83 24.54 -24.89 -11.74
CA PRO C 83 25.34 -25.81 -12.55
C PRO C 83 26.40 -25.10 -13.39
N ASN C 84 27.47 -25.83 -13.76
CA ASN C 84 28.49 -25.26 -14.64
C ASN C 84 28.10 -25.37 -16.11
N VAL C 85 27.32 -26.39 -16.46
CA VAL C 85 26.94 -26.61 -17.85
C VAL C 85 25.78 -25.69 -18.21
N VAL C 86 25.88 -25.03 -19.36
CA VAL C 86 24.97 -23.95 -19.70
C VAL C 86 23.53 -24.47 -19.77
N ASN C 87 23.30 -25.55 -20.51
CA ASN C 87 21.94 -26.06 -20.65
C ASN C 87 21.37 -26.49 -19.30
N GLU C 88 22.20 -27.06 -18.43
CA GLU C 88 21.73 -27.42 -17.10
C GLU C 88 21.39 -26.18 -16.28
N ARG C 89 22.14 -25.10 -16.47
CA ARG C 89 21.89 -23.87 -15.73
C ARG C 89 20.55 -23.26 -16.13
N ILE C 90 20.31 -23.11 -17.44
CA ILE C 90 19.03 -22.61 -17.93
C ILE C 90 17.88 -23.46 -17.44
N LYS C 91 18.10 -24.77 -17.29
CA LYS C 91 17.03 -25.65 -16.83
C LYS C 91 16.69 -25.39 -15.36
N ILE C 92 17.69 -25.07 -14.55
CA ILE C 92 17.45 -24.81 -13.13
C ILE C 92 16.72 -23.48 -12.96
N ARG C 93 17.04 -22.48 -13.78
CA ARG C 93 16.35 -21.20 -13.70
C ARG C 93 14.87 -21.36 -14.04
N LEU C 94 14.56 -22.16 -15.06
CA LEU C 94 13.16 -22.40 -15.41
C LEU C 94 12.42 -23.07 -14.25
N SER C 95 13.06 -24.04 -13.59
CA SER C 95 12.41 -24.71 -12.47
C SER C 95 12.31 -23.79 -11.25
N LEU C 96 13.30 -22.91 -11.06
CA LEU C 96 13.19 -21.89 -10.03
C LEU C 96 11.97 -20.99 -10.27
N ASP C 97 11.63 -20.75 -11.53
CA ASP C 97 10.46 -19.96 -11.84
C ASP C 97 9.18 -20.72 -11.53
N LYS C 98 9.16 -22.03 -11.79
CA LYS C 98 7.96 -22.82 -11.58
C LYS C 98 7.73 -23.12 -10.11
N ILE C 99 8.80 -23.34 -9.35
CA ILE C 99 8.64 -23.59 -7.91
C ILE C 99 8.07 -22.36 -7.22
N ASP C 100 8.45 -21.16 -7.67
CA ASP C 100 7.95 -19.93 -7.05
C ASP C 100 6.50 -19.66 -7.43
N ASN C 101 6.16 -19.82 -8.70
CA ASN C 101 4.83 -19.46 -9.19
C ASN C 101 3.81 -20.57 -9.05
N GLU C 102 4.24 -21.83 -9.04
CA GLU C 102 3.33 -22.97 -9.01
C GLU C 102 3.29 -23.69 -7.67
N TRP C 103 4.45 -23.95 -7.06
CA TRP C 103 4.48 -24.79 -5.87
C TRP C 103 4.34 -23.99 -4.57
N TYR C 104 5.07 -22.89 -4.44
CA TYR C 104 5.00 -22.12 -3.20
C TYR C 104 3.59 -21.66 -2.87
N PRO C 105 2.76 -21.20 -3.81
CA PRO C 105 1.38 -20.84 -3.46
C PRO C 105 0.63 -21.95 -2.75
N VAL C 106 0.96 -23.21 -3.02
CA VAL C 106 0.27 -24.32 -2.37
C VAL C 106 0.40 -24.23 -0.86
N LEU C 107 1.60 -23.88 -0.38
CA LEU C 107 1.80 -23.76 1.06
C LEU C 107 0.99 -22.60 1.64
N ASP C 108 0.95 -21.47 0.94
CA ASP C 108 0.11 -20.36 1.38
C ASP C 108 -1.35 -20.78 1.44
N GLN C 109 -1.79 -21.62 0.50
CA GLN C 109 -3.15 -22.13 0.54
C GLN C 109 -3.38 -23.01 1.77
N ILE C 110 -2.40 -23.82 2.13
CA ILE C 110 -2.55 -24.70 3.28
C ILE C 110 -2.69 -23.88 4.56
N ARG C 111 -1.97 -22.77 4.65
CA ARG C 111 -2.02 -21.94 5.86
C ARG C 111 -3.24 -21.03 5.90
N LYS C 112 -3.83 -20.71 4.73
CA LYS C 112 -5.08 -19.96 4.72
C LYS C 112 -6.23 -20.76 5.34
N HIS C 113 -6.08 -22.08 5.44
CA HIS C 113 -7.09 -22.95 6.04
C HIS C 113 -6.44 -23.87 7.07
N ARG C 114 -5.44 -23.38 7.80
CA ARG C 114 -4.72 -24.22 8.74
C ARG C 114 -5.64 -24.81 9.80
N SER C 115 -6.76 -24.15 10.09
CA SER C 115 -7.67 -24.60 11.13
C SER C 115 -8.98 -25.14 10.58
N ASP C 116 -9.05 -25.46 9.29
CA ASP C 116 -10.21 -26.09 8.67
C ASP C 116 -9.87 -27.56 8.43
N GLN C 117 -10.29 -28.43 9.36
CA GLN C 117 -9.91 -29.83 9.29
C GLN C 117 -10.30 -30.46 7.96
N LYS C 118 -11.49 -30.13 7.44
CA LYS C 118 -11.96 -30.72 6.19
C LYS C 118 -11.12 -30.24 5.01
N MET C 119 -11.16 -28.93 4.73
CA MET C 119 -10.43 -28.39 3.59
C MET C 119 -8.94 -28.73 3.68
N LEU C 120 -8.39 -28.73 4.89
CA LEU C 120 -6.96 -29.04 5.05
C LEU C 120 -6.64 -30.44 4.54
N GLU C 121 -7.49 -31.42 4.85
CA GLU C 121 -7.24 -32.79 4.42
C GLU C 121 -7.44 -32.96 2.91
N SER C 122 -8.31 -32.16 2.31
CA SER C 122 -8.50 -32.24 0.86
C SER C 122 -7.28 -31.74 0.12
N MET C 123 -6.72 -30.60 0.56
CA MET C 123 -5.53 -30.07 -0.08
C MET C 123 -4.34 -30.99 0.12
N PHE C 124 -4.21 -31.60 1.30
CA PHE C 124 -3.15 -32.56 1.54
C PHE C 124 -3.25 -33.74 0.56
N LYS C 125 -4.48 -34.18 0.26
CA LYS C 125 -4.66 -35.32 -0.62
C LYS C 125 -4.13 -35.01 -2.01
N ASP C 126 -4.49 -33.86 -2.57
CA ASP C 126 -4.05 -33.51 -3.91
C ASP C 126 -2.54 -33.30 -3.98
N LEU C 127 -1.92 -32.87 -2.89
CA LEU C 127 -0.48 -32.63 -2.90
C LEU C 127 0.29 -33.94 -3.00
N LYS C 128 -0.04 -34.91 -2.14
CA LYS C 128 0.65 -36.20 -2.19
C LYS C 128 0.54 -36.84 -3.57
N GLU C 129 -0.57 -36.60 -4.27
CA GLU C 129 -0.76 -37.17 -5.61
C GLU C 129 0.06 -36.43 -6.65
N SER C 130 0.22 -35.11 -6.51
CA SER C 130 1.09 -34.38 -7.42
C SER C 130 2.52 -34.86 -7.33
N LEU C 131 2.94 -35.29 -6.14
CA LEU C 131 4.29 -35.81 -5.95
C LEU C 131 4.41 -37.25 -6.42
N LEU C 132 3.46 -38.11 -6.02
CA LEU C 132 3.51 -39.50 -6.47
C LEU C 132 3.54 -39.58 -7.99
N ALA C 133 2.79 -38.70 -8.66
CA ALA C 133 2.90 -38.59 -10.11
C ALA C 133 4.33 -38.28 -10.51
N MET C 134 5.08 -37.59 -9.65
CA MET C 134 6.39 -37.08 -10.05
C MET C 134 7.49 -38.12 -9.88
N GLU C 135 7.36 -39.00 -8.90
CA GLU C 135 8.45 -39.91 -8.56
C GLU C 135 8.93 -40.75 -9.74
N LYS C 136 8.11 -40.91 -10.79
CA LYS C 136 8.47 -41.81 -11.87
C LYS C 136 9.72 -41.34 -12.61
N ALA C 137 9.86 -40.02 -12.79
CA ALA C 137 10.94 -39.44 -13.57
C ALA C 137 11.93 -38.65 -12.71
N PHE C 138 11.77 -38.69 -11.40
CA PHE C 138 12.62 -37.94 -10.47
C PHE C 138 13.85 -38.73 -10.02
N THR C 139 14.09 -39.90 -10.58
CA THR C 139 15.17 -40.76 -10.13
C THR C 139 16.46 -40.47 -10.89
N GLY C 140 17.56 -41.04 -10.39
CA GLY C 140 18.84 -41.03 -11.07
C GLY C 140 19.78 -39.91 -10.70
N SER C 141 19.34 -38.93 -9.91
CA SER C 141 20.15 -37.77 -9.56
C SER C 141 20.30 -37.70 -8.05
N GLU C 142 21.54 -37.49 -7.57
CA GLU C 142 21.76 -37.31 -6.15
C GLU C 142 21.03 -36.08 -5.62
N PHE C 143 20.93 -35.03 -6.44
CA PHE C 143 20.19 -33.82 -6.13
C PHE C 143 19.26 -33.49 -7.29
N PHE C 144 18.33 -32.56 -7.03
CA PHE C 144 17.35 -32.15 -8.02
C PHE C 144 18.01 -31.83 -9.36
N ILE C 145 17.69 -32.64 -10.38
CA ILE C 145 18.05 -32.40 -11.77
C ILE C 145 19.45 -31.81 -11.89
N SER C 146 20.41 -32.39 -11.17
CA SER C 146 21.78 -31.93 -11.28
C SER C 146 22.70 -32.90 -10.57
N SER C 147 23.99 -32.79 -10.89
CA SER C 147 25.06 -33.47 -10.18
C SER C 147 25.73 -32.43 -9.30
N GLY C 148 25.27 -32.33 -8.06
CA GLY C 148 25.77 -31.32 -7.14
C GLY C 148 24.66 -30.44 -6.62
N PHE C 149 24.86 -29.87 -5.44
CA PHE C 149 23.84 -29.05 -4.81
C PHE C 149 23.60 -27.78 -5.63
N THR C 150 22.34 -27.39 -5.73
CA THR C 150 21.94 -26.25 -6.55
C THR C 150 20.89 -25.44 -5.80
N LEU C 151 20.66 -24.22 -6.28
CA LEU C 151 19.63 -23.37 -5.67
C LEU C 151 18.27 -24.08 -5.61
N ALA C 152 17.97 -24.89 -6.63
CA ALA C 152 16.70 -25.60 -6.63
C ALA C 152 16.54 -26.44 -5.38
N ASP C 153 17.65 -26.93 -4.82
CA ASP C 153 17.57 -27.69 -3.57
C ASP C 153 17.28 -26.79 -2.38
N CYS C 154 17.73 -25.52 -2.43
CA CYS C 154 17.38 -24.57 -1.39
C CYS C 154 15.89 -24.26 -1.42
N TYR C 155 15.36 -23.95 -2.60
CA TYR C 155 13.92 -23.71 -2.75
C TYR C 155 13.11 -24.86 -2.18
N ILE C 156 13.52 -26.09 -2.47
CA ILE C 156 12.71 -27.26 -2.12
C ILE C 156 12.87 -27.60 -0.65
N ALA C 157 14.11 -27.65 -0.16
CA ALA C 157 14.34 -27.95 1.25
C ALA C 157 13.53 -27.04 2.15
N ALA C 158 13.61 -25.72 1.93
CA ALA C 158 12.86 -24.77 2.74
C ALA C 158 11.37 -25.02 2.64
N LEU C 159 10.88 -25.34 1.44
CA LEU C 159 9.45 -25.64 1.25
C LEU C 159 9.05 -26.90 2.02
N ILE C 160 9.95 -27.88 2.11
CA ILE C 160 9.63 -29.13 2.81
C ILE C 160 9.65 -28.92 4.33
N ILE C 161 10.56 -28.08 4.82
CA ILE C 161 10.61 -27.80 6.26
C ILE C 161 9.34 -27.08 6.70
N CYS C 162 8.75 -26.26 5.83
CA CYS C 162 7.52 -25.56 6.18
C CYS C 162 6.31 -26.48 6.10
N LEU C 163 6.22 -27.30 5.05
CA LEU C 163 5.13 -28.27 4.97
C LEU C 163 5.14 -29.22 6.15
N GLU C 164 6.33 -29.59 6.65
CA GLU C 164 6.40 -30.44 7.83
C GLU C 164 5.79 -29.77 9.04
N ALA C 165 5.93 -28.45 9.14
CA ALA C 165 5.39 -27.74 10.30
C ALA C 165 3.87 -27.77 10.30
N GLU C 166 3.23 -27.73 9.13
CA GLU C 166 1.79 -27.72 9.04
C GLU C 166 1.17 -29.11 9.14
N GLY C 167 1.97 -30.17 9.17
CA GLY C 167 1.49 -31.53 9.32
C GLY C 167 1.79 -32.43 8.13
N PHE C 168 2.05 -31.87 6.95
CA PHE C 168 2.34 -32.68 5.77
C PHE C 168 3.77 -33.18 5.84
N ILE C 169 3.94 -34.49 5.99
CA ILE C 169 5.26 -35.12 6.11
C ILE C 169 5.46 -36.05 4.93
N ILE C 170 6.69 -36.06 4.40
CA ILE C 170 7.06 -36.99 3.35
C ILE C 170 7.42 -38.32 3.99
N ASP C 171 6.76 -39.39 3.54
CA ASP C 171 6.88 -40.75 4.07
C ASP C 171 7.62 -41.64 3.07
N ASP C 172 7.47 -42.96 3.24
CA ASP C 172 8.11 -43.90 2.32
C ASP C 172 7.36 -43.99 1.00
N GLU C 173 6.05 -43.76 1.00
CA GLU C 173 5.23 -43.93 -0.19
C GLU C 173 5.79 -43.21 -1.40
N TYR C 174 6.63 -42.19 -1.21
CA TYR C 174 7.13 -41.38 -2.32
C TYR C 174 8.34 -42.00 -3.01
N GLY C 175 9.09 -42.86 -2.32
CA GLY C 175 10.17 -43.58 -2.95
C GLY C 175 11.34 -42.71 -3.34
N ALA C 176 11.57 -42.55 -4.65
CA ALA C 176 12.70 -41.75 -5.12
C ALA C 176 12.67 -40.35 -4.53
N ILE C 177 11.49 -39.80 -4.29
CA ILE C 177 11.38 -38.48 -3.67
C ILE C 177 11.77 -38.56 -2.20
N TYR C 178 11.38 -39.64 -1.51
CA TYR C 178 11.72 -39.77 -0.10
C TYR C 178 13.23 -39.93 0.09
N GLU C 179 13.89 -40.66 -0.81
CA GLU C 179 15.34 -40.76 -0.74
C GLU C 179 15.99 -39.40 -0.98
N TYR C 180 15.34 -38.53 -1.75
CA TYR C 180 15.88 -37.20 -2.00
C TYR C 180 15.75 -36.31 -0.78
N LYS C 181 14.64 -36.42 -0.04
CA LYS C 181 14.50 -35.64 1.19
C LYS C 181 15.57 -36.02 2.21
N LYS C 182 15.89 -37.31 2.32
CA LYS C 182 16.87 -37.74 3.32
C LYS C 182 18.25 -37.18 3.03
N ARG C 183 18.61 -37.06 1.74
CA ARG C 183 19.92 -36.52 1.40
C ARG C 183 19.99 -35.03 1.75
N LEU C 184 18.97 -34.26 1.40
CA LEU C 184 18.93 -32.85 1.75
C LEU C 184 19.02 -32.65 3.25
N PHE C 185 18.12 -33.27 4.01
CA PHE C 185 18.15 -33.16 5.46
C PHE C 185 19.41 -33.78 6.06
N ALA C 186 20.13 -34.59 5.29
CA ALA C 186 21.46 -35.03 5.69
C ALA C 186 22.52 -33.98 5.43
N ARG C 187 22.29 -33.07 4.48
CA ARG C 187 23.24 -32.02 4.19
C ARG C 187 23.33 -31.03 5.34
N ASP C 188 24.52 -30.48 5.54
CA ASP C 188 24.78 -29.68 6.73
C ASP C 188 23.97 -28.39 6.70
N SER C 189 23.97 -27.68 5.56
CA SER C 189 23.26 -26.41 5.48
C SER C 189 21.77 -26.60 5.74
N VAL C 190 21.21 -27.74 5.34
CA VAL C 190 19.77 -27.95 5.46
C VAL C 190 19.38 -28.23 6.91
N LYS C 191 20.01 -29.23 7.52
CA LYS C 191 19.70 -29.54 8.92
C LYS C 191 19.97 -28.34 9.82
N LYS C 192 20.97 -27.51 9.47
CA LYS C 192 21.27 -26.32 10.26
C LYS C 192 20.08 -25.37 10.30
N ALA C 193 19.25 -25.38 9.26
CA ALA C 193 18.06 -24.54 9.20
C ALA C 193 16.81 -25.21 9.79
N ASN C 194 16.77 -26.55 9.82
CA ASN C 194 15.62 -27.23 10.39
C ASN C 194 15.52 -27.02 11.89
N ILE C 195 16.64 -26.73 12.55
CA ILE C 195 16.67 -26.51 13.99
C ILE C 195 15.56 -25.57 14.45
N ALA D 3 20.01 -23.46 -34.53
CA ALA D 3 18.69 -24.03 -34.34
C ALA D 3 17.96 -23.39 -33.16
N MET D 4 17.89 -22.07 -33.17
CA MET D 4 17.30 -21.29 -32.08
C MET D 4 16.12 -20.49 -32.62
N LEU D 5 14.99 -20.56 -31.90
CA LEU D 5 13.76 -19.90 -32.31
C LEU D 5 13.34 -18.88 -31.27
N LEU D 6 13.05 -17.66 -31.72
CA LEU D 6 12.49 -16.62 -30.87
C LEU D 6 11.11 -16.25 -31.42
N TYR D 7 10.06 -16.63 -30.69
CA TYR D 7 8.71 -16.26 -31.07
C TYR D 7 8.43 -14.82 -30.64
N THR D 8 7.79 -14.06 -31.52
CA THR D 8 7.61 -12.63 -31.32
C THR D 8 6.25 -12.19 -31.87
N LYS D 9 5.84 -11.00 -31.46
CA LYS D 9 4.71 -10.30 -32.05
C LYS D 9 5.15 -8.91 -32.49
N LYS D 10 4.57 -8.44 -33.59
CA LYS D 10 4.89 -7.10 -34.07
C LYS D 10 4.44 -6.05 -33.07
N ASP D 11 5.26 -5.03 -32.87
CA ASP D 11 4.96 -3.93 -31.96
C ASP D 11 4.84 -4.40 -30.52
N ASP D 12 5.36 -5.59 -30.22
CA ASP D 12 5.48 -6.05 -28.84
C ASP D 12 6.81 -5.55 -28.28
N ILE D 13 6.74 -4.73 -27.24
CA ILE D 13 7.96 -4.11 -26.74
C ILE D 13 8.91 -5.15 -26.15
N TYR D 14 8.37 -6.24 -25.59
CA TYR D 14 9.22 -7.31 -25.09
C TYR D 14 10.01 -7.95 -26.23
N SER D 15 9.31 -8.37 -27.29
CA SER D 15 10.00 -8.95 -28.43
C SER D 15 11.08 -8.03 -28.97
N ASP D 16 10.79 -6.73 -29.07
CA ASP D 16 11.78 -5.78 -29.57
C ASP D 16 13.02 -5.73 -28.69
N ILE D 17 12.83 -5.78 -27.37
CA ILE D 17 13.98 -5.74 -26.46
C ILE D 17 14.87 -6.96 -26.66
N VAL D 18 14.27 -8.16 -26.62
CA VAL D 18 15.06 -9.38 -26.77
C VAL D 18 15.73 -9.42 -28.14
N ARG D 19 15.00 -9.03 -29.19
CA ARG D 19 15.58 -9.06 -30.54
C ARG D 19 16.80 -8.17 -30.66
N MET D 20 16.87 -7.09 -29.88
CA MET D 20 18.05 -6.23 -29.94
C MET D 20 19.20 -6.82 -29.14
N ILE D 21 18.90 -7.43 -27.99
CA ILE D 21 19.96 -8.09 -27.23
C ILE D 21 20.59 -9.20 -28.07
N LEU D 22 19.76 -10.00 -28.74
CA LEU D 22 20.29 -11.06 -29.58
C LEU D 22 21.16 -10.49 -30.71
N LEU D 23 20.80 -9.32 -31.24
CA LEU D 23 21.62 -8.70 -32.26
C LEU D 23 22.99 -8.31 -31.71
N ILE D 24 23.01 -7.64 -30.55
CA ILE D 24 24.27 -7.24 -29.95
C ILE D 24 25.15 -8.46 -29.71
N LYS D 25 24.56 -9.55 -29.22
CA LYS D 25 25.28 -10.78 -28.94
C LYS D 25 25.77 -11.47 -30.20
N GLY D 26 25.32 -11.04 -31.37
CA GLY D 26 25.61 -11.76 -32.60
C GLY D 26 24.91 -13.10 -32.70
N ALA D 27 23.96 -13.38 -31.83
CA ALA D 27 23.31 -14.69 -31.82
C ALA D 27 22.41 -14.86 -33.04
N ASN D 28 22.68 -15.88 -33.83
CA ASN D 28 21.85 -16.20 -35.00
C ASN D 28 20.59 -16.91 -34.51
N ALA D 29 19.50 -16.16 -34.42
CA ALA D 29 18.20 -16.69 -34.03
C ALA D 29 17.23 -16.55 -35.20
N LYS D 30 16.24 -17.42 -35.25
CA LYS D 30 15.23 -17.38 -36.29
C LYS D 30 13.97 -16.71 -35.74
N ILE D 31 13.73 -15.47 -36.15
CA ILE D 31 12.56 -14.74 -35.68
C ILE D 31 11.31 -15.32 -36.32
N VAL D 32 10.26 -15.44 -35.52
CA VAL D 32 8.97 -15.97 -35.97
C VAL D 32 7.90 -15.02 -35.43
N ASP D 33 7.53 -14.04 -36.25
CA ASP D 33 6.47 -13.08 -35.89
C ASP D 33 5.14 -13.82 -35.84
N VAL D 34 4.72 -14.21 -34.64
CA VAL D 34 3.54 -15.05 -34.48
C VAL D 34 2.25 -14.30 -34.79
N SER D 35 2.33 -13.03 -35.17
CA SER D 35 1.12 -12.29 -35.53
C SER D 35 0.68 -12.60 -36.96
N LYS D 36 1.64 -12.79 -37.86
CA LYS D 36 1.32 -13.04 -39.25
C LYS D 36 0.47 -14.31 -39.39
N GLU D 37 -0.46 -14.28 -40.35
CA GLU D 37 -1.20 -15.49 -40.69
C GLU D 37 -0.28 -16.57 -41.23
N GLU D 38 0.85 -16.17 -41.84
CA GLU D 38 1.77 -17.14 -42.40
C GLU D 38 2.24 -18.14 -41.34
N ASN D 39 2.46 -17.67 -40.11
CA ASN D 39 3.04 -18.47 -39.04
C ASN D 39 1.99 -18.94 -38.04
N SER D 40 0.80 -19.31 -38.52
CA SER D 40 -0.23 -19.83 -37.63
C SER D 40 0.14 -21.21 -37.09
N LYS D 41 0.79 -22.04 -37.92
CA LYS D 41 1.21 -23.35 -37.44
C LYS D 41 2.26 -23.22 -36.34
N HIS D 42 3.22 -22.30 -36.51
CA HIS D 42 4.20 -22.05 -35.46
C HIS D 42 3.54 -21.60 -34.17
N LEU D 43 2.38 -20.94 -34.27
CA LEU D 43 1.65 -20.52 -33.07
C LEU D 43 1.04 -21.70 -32.35
N GLU D 44 0.73 -22.79 -33.07
CA GLU D 44 0.20 -23.97 -32.43
C GLU D 44 1.19 -24.54 -31.42
N GLU D 45 2.44 -24.76 -31.85
CA GLU D 45 3.42 -25.36 -30.95
C GLU D 45 3.79 -24.42 -29.81
N LEU D 46 3.76 -23.11 -30.05
CA LEU D 46 4.04 -22.16 -28.98
C LEU D 46 3.03 -22.29 -27.85
N ASN D 47 1.78 -22.57 -28.19
CA ASN D 47 0.77 -22.84 -27.16
C ASN D 47 0.96 -24.18 -26.49
N ILE D 48 1.82 -25.04 -27.05
CA ILE D 48 2.13 -26.33 -26.44
C ILE D 48 3.34 -26.23 -25.52
N ILE D 49 4.42 -25.61 -26.00
CA ILE D 49 5.65 -25.50 -25.23
C ILE D 49 5.57 -24.45 -24.13
N THR D 50 4.53 -23.62 -24.12
CA THR D 50 4.43 -22.52 -23.18
C THR D 50 3.11 -22.58 -22.43
N PRO D 51 3.12 -22.31 -21.13
CA PRO D 51 1.87 -22.36 -20.36
C PRO D 51 0.81 -21.37 -20.82
N ASN D 52 1.22 -20.25 -21.43
CA ASN D 52 0.25 -19.24 -21.86
C ASN D 52 0.57 -18.66 -23.25
N GLY D 53 1.30 -19.38 -24.08
CA GLY D 53 1.73 -18.80 -25.34
C GLY D 53 2.51 -17.53 -25.10
N ASN D 54 3.43 -17.57 -24.13
CA ASN D 54 4.17 -16.40 -23.71
C ASN D 54 4.93 -15.78 -24.89
N ILE D 55 4.86 -14.45 -24.98
CA ILE D 55 5.59 -13.71 -26.01
C ILE D 55 6.46 -12.64 -25.35
N PRO D 56 7.76 -12.63 -25.67
CA PRO D 56 8.44 -13.59 -26.55
C PRO D 56 8.93 -14.82 -25.81
N THR D 57 9.26 -15.89 -26.55
CA THR D 57 9.74 -17.13 -25.99
C THR D 57 10.96 -17.61 -26.77
N LEU D 58 12.08 -17.78 -26.08
CA LEU D 58 13.30 -18.30 -26.68
C LEU D 58 13.26 -19.83 -26.63
N SER D 59 13.10 -20.45 -27.79
CA SER D 59 12.93 -21.90 -27.88
C SER D 59 14.17 -22.53 -28.51
N THR D 60 14.60 -23.64 -27.93
CA THR D 60 15.71 -24.41 -28.45
C THR D 60 15.34 -25.88 -28.33
N ASP D 61 16.25 -26.76 -28.77
CA ASP D 61 15.98 -28.18 -28.71
C ASP D 61 15.66 -28.64 -27.29
N ASP D 62 16.27 -28.00 -26.29
CA ASP D 62 16.19 -28.44 -24.91
C ASP D 62 15.11 -27.73 -24.09
N PHE D 63 14.99 -26.41 -24.23
CA PHE D 63 14.19 -25.63 -23.30
C PHE D 63 13.33 -24.62 -24.04
N ALA D 64 12.42 -23.99 -23.30
CA ALA D 64 11.59 -22.89 -23.80
C ALA D 64 11.46 -21.88 -22.66
N VAL D 65 12.23 -20.80 -22.73
CA VAL D 65 12.31 -19.81 -21.66
C VAL D 65 11.43 -18.63 -22.01
N TYR D 66 10.56 -18.21 -21.08
CA TYR D 66 9.46 -17.32 -21.42
C TYR D 66 9.21 -16.22 -20.40
N ARG D 67 10.24 -15.76 -19.71
CA ARG D 67 10.11 -14.59 -18.85
C ARG D 67 11.25 -13.62 -19.14
N LEU D 68 10.91 -12.33 -19.24
CA LEU D 68 11.92 -11.35 -19.65
C LEU D 68 13.15 -11.42 -18.76
N SER D 69 12.97 -11.36 -17.44
CA SER D 69 14.12 -11.43 -16.54
C SER D 69 14.85 -12.77 -16.72
N VAL D 70 14.10 -13.85 -16.97
CA VAL D 70 14.71 -15.15 -17.18
C VAL D 70 15.37 -15.23 -18.55
N ILE D 71 14.71 -14.69 -19.58
CA ILE D 71 15.27 -14.74 -20.93
C ILE D 71 16.61 -14.01 -20.96
N ILE D 72 16.69 -12.85 -20.33
CA ILE D 72 17.95 -12.12 -20.27
C ILE D 72 19.00 -12.98 -19.57
N GLU D 73 18.63 -13.61 -18.46
CA GLU D 73 19.56 -14.49 -17.76
C GLU D 73 20.01 -15.63 -18.66
N ALA D 74 19.06 -16.32 -19.31
CA ALA D 74 19.42 -17.41 -20.20
C ALA D 74 20.27 -16.92 -21.37
N ILE D 75 19.94 -15.75 -21.93
CA ILE D 75 20.70 -15.25 -23.06
C ILE D 75 22.13 -14.90 -22.63
N GLU D 76 22.32 -14.48 -21.37
CA GLU D 76 23.65 -14.10 -20.93
C GLU D 76 24.55 -15.33 -20.77
N ASP D 77 23.98 -16.49 -20.47
CA ASP D 77 24.76 -17.72 -20.40
C ASP D 77 25.21 -18.17 -21.78
N LEU D 78 24.27 -18.22 -22.73
CA LEU D 78 24.59 -18.73 -24.07
C LEU D 78 25.55 -17.81 -24.82
N TYR D 79 25.52 -16.50 -24.53
CA TYR D 79 26.36 -15.53 -25.23
C TYR D 79 26.92 -14.54 -24.22
N PRO D 80 28.10 -14.83 -23.65
CA PRO D 80 28.68 -13.91 -22.67
C PRO D 80 29.25 -12.63 -23.26
N PHE D 81 29.24 -12.45 -24.58
CA PHE D 81 29.87 -11.28 -25.21
C PHE D 81 28.93 -10.49 -26.12
N PRO D 82 28.71 -9.21 -25.79
CA PRO D 82 29.21 -8.60 -24.54
C PRO D 82 28.29 -8.91 -23.37
N PRO D 83 28.65 -8.45 -22.18
CA PRO D 83 27.78 -8.66 -21.01
C PRO D 83 26.72 -7.56 -20.91
N MET D 84 25.52 -7.98 -20.49
CA MET D 84 24.43 -7.04 -20.27
C MET D 84 24.40 -6.47 -18.85
N PHE D 85 25.03 -7.15 -17.89
CA PHE D 85 25.02 -6.74 -16.50
C PHE D 85 26.39 -6.22 -16.07
N PRO D 86 26.44 -5.48 -14.97
CA PRO D 86 27.71 -4.96 -14.45
C PRO D 86 28.56 -6.09 -13.85
N VAL D 87 29.71 -5.70 -13.31
CA VAL D 87 30.69 -6.66 -12.81
C VAL D 87 30.48 -6.98 -11.33
N PHE D 88 30.11 -5.96 -10.49
CA PHE D 88 30.06 -6.10 -9.05
C PHE D 88 28.70 -6.59 -8.59
N PRO D 89 28.66 -7.40 -7.53
CA PRO D 89 27.37 -7.96 -7.08
C PRO D 89 26.34 -6.91 -6.71
N LYS D 90 26.73 -5.88 -5.96
CA LYS D 90 25.76 -4.84 -5.59
C LYS D 90 25.19 -4.16 -6.82
N GLN D 91 26.03 -3.91 -7.83
CA GLN D 91 25.56 -3.29 -9.05
C GLN D 91 24.64 -4.23 -9.83
N ARG D 92 25.03 -5.49 -9.97
CA ARG D 92 24.19 -6.45 -10.69
C ARG D 92 22.83 -6.57 -10.04
N ALA D 93 22.78 -6.60 -8.71
CA ALA D 93 21.50 -6.69 -8.00
C ALA D 93 20.66 -5.45 -8.23
N ASN D 94 21.29 -4.28 -8.22
CA ASN D 94 20.55 -3.05 -8.47
C ASN D 94 20.00 -3.02 -9.88
N ALA D 95 20.75 -3.54 -10.85
CA ALA D 95 20.22 -3.61 -12.21
C ALA D 95 19.02 -4.55 -12.29
N ARG D 96 19.11 -5.70 -11.61
CA ARG D 96 17.98 -6.63 -11.61
C ARG D 96 16.76 -6.01 -10.95
N ILE D 97 16.95 -5.34 -9.81
CA ILE D 97 15.85 -4.72 -9.10
C ILE D 97 15.24 -3.60 -9.93
N LEU D 98 16.11 -2.74 -10.47
CA LEU D 98 15.64 -1.65 -11.32
C LEU D 98 14.90 -2.20 -12.54
N LEU D 99 15.41 -3.27 -13.15
CA LEU D 99 14.71 -3.92 -14.24
C LEU D 99 13.29 -4.31 -13.85
N GLU D 100 13.12 -4.82 -12.63
CA GLU D 100 11.78 -5.21 -12.17
C GLU D 100 10.87 -3.99 -12.10
N TYR D 101 11.40 -2.85 -11.66
CA TYR D 101 10.58 -1.64 -11.56
C TYR D 101 10.16 -1.15 -12.94
N VAL D 102 11.12 -1.01 -13.86
CA VAL D 102 10.79 -0.56 -15.21
C VAL D 102 9.82 -1.54 -15.87
N ASN D 103 9.94 -2.84 -15.58
CA ASN D 103 9.05 -3.80 -16.19
C ASN D 103 7.62 -3.64 -15.67
N LYS D 104 7.47 -3.40 -14.37
CA LYS D 104 6.15 -3.31 -13.77
C LYS D 104 5.51 -1.94 -13.97
N THR D 105 6.30 -0.88 -14.04
CA THR D 105 5.75 0.46 -14.19
C THR D 105 5.51 0.83 -15.65
N PHE D 106 6.36 0.38 -16.57
CA PHE D 106 6.26 0.79 -17.96
C PHE D 106 5.94 -0.36 -18.90
N LEU D 107 6.73 -1.43 -18.87
CA LEU D 107 6.56 -2.49 -19.86
C LEU D 107 5.18 -3.14 -19.77
N GLN D 108 4.74 -3.46 -18.55
CA GLN D 108 3.45 -4.15 -18.39
C GLN D 108 2.29 -3.28 -18.83
N ASN D 109 2.38 -1.96 -18.62
CA ASN D 109 1.31 -1.05 -19.01
C ASN D 109 1.32 -0.71 -20.50
N ILE D 110 2.48 -0.80 -21.15
CA ILE D 110 2.55 -0.48 -22.58
C ILE D 110 1.80 -1.53 -23.39
N ILE D 111 2.01 -2.81 -23.09
CA ILE D 111 1.26 -3.84 -23.81
C ILE D 111 -0.22 -3.75 -23.47
N LYS D 112 -0.55 -3.17 -22.31
CA LYS D 112 -1.95 -2.93 -21.99
C LYS D 112 -2.58 -1.96 -22.98
N LEU D 113 -1.85 -0.90 -23.34
CA LEU D 113 -2.37 0.07 -24.29
C LEU D 113 -2.58 -0.54 -25.67
N GLN D 114 -1.91 -1.64 -25.99
CA GLN D 114 -2.11 -2.30 -27.26
C GLN D 114 -3.43 -3.05 -27.34
N SER D 115 -4.09 -3.25 -26.20
CA SER D 115 -5.36 -3.97 -26.19
C SER D 115 -6.41 -3.18 -26.97
N PRO D 116 -7.01 -3.75 -28.02
CA PRO D 116 -8.05 -3.03 -28.76
C PRO D 116 -9.37 -2.92 -28.02
N ASP D 117 -9.49 -3.53 -26.84
CA ASP D 117 -10.70 -3.47 -26.03
C ASP D 117 -10.60 -2.45 -24.89
N LEU D 118 -9.51 -1.68 -24.84
CA LEU D 118 -9.28 -0.76 -23.73
C LEU D 118 -10.02 0.55 -24.00
N ASP D 119 -11.01 0.84 -23.17
CA ASP D 119 -11.76 2.10 -23.31
C ASP D 119 -10.81 3.28 -23.19
N GLU D 120 -11.19 4.39 -23.84
CA GLU D 120 -10.29 5.53 -23.93
C GLU D 120 -9.96 6.09 -22.54
N LYS D 121 -10.98 6.27 -21.69
CA LYS D 121 -10.75 6.85 -20.38
C LYS D 121 -9.71 6.07 -19.59
N GLN D 122 -9.65 4.75 -19.79
CA GLN D 122 -8.65 3.92 -19.12
C GLN D 122 -7.27 4.11 -19.74
N ALA D 123 -7.18 4.13 -21.06
CA ALA D 123 -5.88 4.30 -21.71
C ALA D 123 -5.26 5.64 -21.37
N ASN D 124 -6.08 6.69 -21.24
CA ASN D 124 -5.55 8.01 -20.92
C ASN D 124 -4.95 8.03 -19.52
N GLU D 125 -5.58 7.32 -18.57
CA GLU D 125 -5.05 7.27 -17.21
C GLU D 125 -3.73 6.50 -17.16
N ILE D 126 -3.53 5.55 -18.07
CA ILE D 126 -2.27 4.79 -18.12
C ILE D 126 -1.16 5.65 -18.72
N LYS D 127 -1.45 6.36 -19.81
CA LYS D 127 -0.45 7.23 -20.42
C LYS D 127 -0.03 8.33 -19.45
N MET D 128 -0.99 8.91 -18.72
CA MET D 128 -0.66 9.95 -17.76
C MET D 128 0.06 9.39 -16.55
N LEU D 129 -0.25 8.14 -16.18
CA LEU D 129 0.46 7.51 -15.07
C LEU D 129 1.92 7.29 -15.41
N MET D 130 2.21 6.93 -16.66
CA MET D 130 3.59 6.72 -17.06
C MET D 130 4.32 8.04 -17.28
N GLN D 131 3.62 9.04 -17.82
CA GLN D 131 4.23 10.36 -17.96
C GLN D 131 4.78 10.87 -16.64
N ARG D 132 4.11 10.54 -15.54
CA ARG D 132 4.47 11.09 -14.24
C ARG D 132 5.83 10.59 -13.75
N ASP D 133 6.25 9.39 -14.17
CA ASP D 133 7.44 8.75 -13.61
C ASP D 133 8.56 8.55 -14.61
N ILE D 134 8.36 8.82 -15.90
CA ILE D 134 9.37 8.47 -16.89
C ILE D 134 10.67 9.21 -16.64
N ILE D 135 10.60 10.49 -16.27
CA ILE D 135 11.81 11.30 -16.14
C ILE D 135 12.61 10.86 -14.93
N SER D 136 11.96 10.68 -13.79
CA SER D 136 12.67 10.26 -12.59
C SER D 136 13.39 8.93 -12.81
N THR D 137 12.69 7.95 -13.39
CA THR D 137 13.33 6.66 -13.62
C THR D 137 14.50 6.79 -14.59
N TYR D 138 14.33 7.58 -15.66
CA TYR D 138 15.44 7.79 -16.58
C TYR D 138 16.64 8.40 -15.85
N LYS D 139 16.39 9.37 -14.97
CA LYS D 139 17.49 9.98 -14.23
C LYS D 139 18.14 8.97 -13.28
N LYS D 140 17.39 7.98 -12.81
CA LYS D 140 17.98 6.96 -11.95
C LYS D 140 18.66 5.86 -12.75
N ILE D 141 18.25 5.63 -13.99
CA ILE D 141 18.98 4.71 -14.85
C ILE D 141 20.32 5.30 -15.26
N VAL D 142 20.39 6.62 -15.42
CA VAL D 142 21.63 7.25 -15.86
C VAL D 142 22.60 7.44 -14.70
N SER D 143 22.09 7.64 -13.48
CA SER D 143 22.97 7.75 -12.32
C SER D 143 23.55 6.39 -11.94
N GLU D 144 22.73 5.34 -12.04
CA GLU D 144 23.22 3.99 -11.80
C GLU D 144 24.22 3.56 -12.88
N ARG D 145 24.03 4.05 -14.11
CA ARG D 145 24.98 3.73 -15.18
C ARG D 145 26.33 4.38 -14.92
N GLU D 146 26.33 5.64 -14.48
CA GLU D 146 27.57 6.36 -14.23
C GLU D 146 28.38 5.72 -13.10
N VAL D 147 27.70 5.14 -12.11
CA VAL D 147 28.40 4.42 -11.06
C VAL D 147 29.07 3.17 -11.63
N ASN D 148 28.34 2.41 -12.45
CA ASN D 148 28.90 1.19 -13.01
C ASN D 148 30.08 1.46 -13.94
N ALA D 149 30.22 2.70 -14.42
CA ALA D 149 31.33 3.05 -15.29
C ALA D 149 32.50 3.67 -14.53
N GLU D 150 32.23 4.59 -13.61
CA GLU D 150 33.30 5.17 -12.82
C GLU D 150 33.94 4.13 -11.92
N SER D 151 33.12 3.34 -11.21
CA SER D 151 33.66 2.29 -10.35
C SER D 151 34.57 1.35 -11.13
N ASN D 152 34.16 0.95 -12.33
CA ASN D 152 34.92 0.02 -13.17
C ASN D 152 35.00 0.61 -14.58
N PRO D 153 35.91 1.56 -14.79
CA PRO D 153 36.10 2.09 -16.15
C PRO D 153 36.57 1.06 -17.15
N ASP D 154 37.37 0.08 -16.71
CA ASP D 154 37.87 -0.95 -17.62
C ASP D 154 36.73 -1.76 -18.24
N ALA D 155 35.62 -1.91 -17.52
CA ALA D 155 34.51 -2.71 -18.03
C ALA D 155 33.94 -2.09 -19.31
N GLN D 156 33.86 -2.91 -20.36
CA GLN D 156 33.26 -2.51 -21.63
C GLN D 156 31.83 -3.00 -21.77
N ASN D 157 31.16 -3.29 -20.66
CA ASN D 157 29.84 -3.89 -20.72
C ASN D 157 28.79 -2.87 -21.18
N ILE D 158 27.62 -3.40 -21.53
CA ILE D 158 26.50 -2.59 -21.98
C ILE D 158 25.51 -2.46 -20.82
N ASN D 159 24.78 -1.36 -20.81
CA ASN D 159 23.74 -1.14 -19.80
C ASN D 159 22.44 -1.68 -20.37
N VAL D 160 22.01 -2.85 -19.88
CA VAL D 160 20.74 -3.40 -20.32
C VAL D 160 19.61 -2.42 -20.02
N LEU D 161 19.65 -1.79 -18.85
CA LEU D 161 18.61 -0.83 -18.49
C LEU D 161 18.51 0.29 -19.53
N THR D 162 19.66 0.88 -19.88
CA THR D 162 19.65 1.90 -20.92
C THR D 162 19.08 1.35 -22.22
N LEU D 163 19.41 0.09 -22.55
CA LEU D 163 18.89 -0.54 -23.75
C LEU D 163 17.39 -0.76 -23.65
N ILE D 164 16.86 -0.92 -22.44
CA ILE D 164 15.42 -1.10 -22.26
C ILE D 164 14.71 0.24 -22.24
N ILE D 165 15.25 1.23 -21.52
CA ILE D 165 14.62 2.53 -21.46
C ILE D 165 14.58 3.20 -22.83
N THR D 166 15.51 2.82 -23.71
CA THR D 166 15.45 3.34 -25.08
C THR D 166 14.16 2.92 -25.76
N PHE D 167 13.77 1.65 -25.60
CA PHE D 167 12.51 1.18 -26.19
C PHE D 167 11.30 1.83 -25.52
N VAL D 168 11.40 2.15 -24.23
CA VAL D 168 10.31 2.87 -23.58
C VAL D 168 10.06 4.19 -24.30
N PHE D 169 11.11 5.02 -24.43
CA PHE D 169 10.98 6.27 -25.17
C PHE D 169 10.44 6.03 -26.57
N TYR D 170 10.88 4.95 -27.21
CA TYR D 170 10.44 4.66 -28.57
C TYR D 170 8.94 4.40 -28.63
N TYR D 171 8.41 3.60 -27.69
CA TYR D 171 6.98 3.32 -27.67
C TYR D 171 6.18 4.51 -27.14
N PHE D 172 6.80 5.37 -26.32
CA PHE D 172 6.18 6.65 -26.00
C PHE D 172 5.84 7.41 -27.27
N ILE D 173 6.79 7.48 -28.21
CA ILE D 173 6.59 8.17 -29.46
C ILE D 173 5.64 7.39 -30.37
N LYS D 174 5.65 6.06 -30.30
CA LYS D 174 4.70 5.27 -31.07
C LYS D 174 3.27 5.50 -30.61
N LEU D 175 3.04 5.46 -29.30
CA LEU D 175 1.73 5.66 -28.71
C LEU D 175 1.37 7.13 -28.53
N LYS D 176 2.25 8.05 -28.94
CA LYS D 176 1.97 9.47 -28.93
C LYS D 176 1.92 10.04 -27.51
N ILE D 177 2.63 9.41 -26.58
CA ILE D 177 2.72 9.89 -25.21
C ILE D 177 3.82 10.93 -25.12
N SER D 178 3.50 12.08 -24.55
CA SER D 178 4.48 13.14 -24.43
C SER D 178 5.51 12.78 -23.38
N ILE D 179 6.77 13.09 -23.66
CA ILE D 179 7.84 12.92 -22.69
C ILE D 179 7.99 14.24 -21.94
N PRO D 180 7.47 14.36 -20.72
CA PRO D 180 7.38 15.67 -20.07
C PRO D 180 8.72 16.21 -19.60
N THR D 181 9.40 16.96 -20.45
CA THR D 181 10.67 17.58 -20.05
C THR D 181 11.00 18.72 -21.00
N LYS D 182 11.41 19.84 -20.44
CA LYS D 182 12.00 20.94 -21.21
C LYS D 182 13.51 20.91 -21.20
N ASP D 183 14.11 19.99 -20.44
CA ASP D 183 15.56 19.94 -20.30
C ASP D 183 16.21 19.67 -21.64
N LYS D 184 17.10 20.58 -22.06
CA LYS D 184 17.77 20.40 -23.34
C LYS D 184 18.72 19.20 -23.33
N ASN D 185 19.31 18.89 -22.18
CA ASN D 185 20.26 17.77 -22.12
C ASN D 185 19.55 16.43 -22.22
N ILE D 186 18.48 16.24 -21.45
CA ILE D 186 17.72 15.00 -21.54
C ILE D 186 17.17 14.83 -22.95
N ILE D 187 16.57 15.89 -23.50
CA ILE D 187 16.11 15.86 -24.89
C ILE D 187 17.26 15.49 -25.81
N LYS D 188 18.43 16.10 -25.60
CA LYS D 188 19.61 15.77 -26.39
C LYS D 188 20.02 14.32 -26.17
N GLU D 189 19.94 13.85 -24.93
CA GLU D 189 20.31 12.47 -24.63
C GLU D 189 19.29 11.49 -25.18
N ILE D 190 18.00 11.84 -25.17
CA ILE D 190 17.00 10.97 -25.78
C ILE D 190 17.22 10.86 -27.28
N LYS D 191 17.51 11.99 -27.94
CA LYS D 191 17.81 11.94 -29.36
C LYS D 191 18.96 10.99 -29.67
N GLU D 192 19.92 10.89 -28.75
CA GLU D 192 21.06 9.99 -28.96
C GLU D 192 20.63 8.54 -28.90
N LEU D 193 19.95 8.14 -27.82
CA LEU D 193 19.47 6.77 -27.67
C LEU D 193 18.74 6.30 -28.92
N LEU D 194 17.75 7.08 -29.37
CA LEU D 194 16.91 6.71 -30.50
C LEU D 194 17.67 6.70 -31.82
N SER D 195 18.93 7.12 -31.84
CA SER D 195 19.75 7.04 -33.03
C SER D 195 20.81 5.95 -32.94
N GLU D 196 20.93 5.29 -31.80
CA GLU D 196 21.96 4.27 -31.63
C GLU D 196 21.85 3.23 -32.74
N PRO D 197 22.95 2.90 -33.43
CA PRO D 197 22.88 2.01 -34.59
C PRO D 197 22.11 0.72 -34.35
N ASN D 198 22.53 -0.05 -33.35
CA ASN D 198 21.91 -1.35 -33.10
C ASN D 198 20.43 -1.22 -32.76
N PHE D 199 19.99 -0.05 -32.29
CA PHE D 199 18.57 0.17 -32.04
C PHE D 199 17.80 0.39 -33.33
N ILE D 200 18.39 1.13 -34.28
CA ILE D 200 17.71 1.33 -35.56
C ILE D 200 17.64 0.03 -36.34
N LYS D 201 18.65 -0.83 -36.19
CA LYS D 201 18.66 -2.11 -36.90
C LYS D 201 17.55 -3.04 -36.43
N THR D 202 17.09 -2.89 -35.20
CA THR D 202 15.94 -3.63 -34.70
C THR D 202 14.61 -3.03 -35.13
N ILE D 203 14.63 -1.84 -35.73
CA ILE D 203 13.42 -1.06 -36.01
C ILE D 203 13.24 -0.85 -37.52
C1 GOL E . -31.19 -1.05 27.17
O1 GOL E . -31.09 -2.22 26.40
C2 GOL E . -30.79 0.17 26.32
O2 GOL E . -30.84 -0.17 24.96
C3 GOL E . -31.66 1.39 26.62
O3 GOL E . -32.08 2.02 25.41
H11 GOL E . -32.22 -0.92 27.51
H12 GOL E . -30.56 -1.12 28.04
HO1 GOL E . -31.29 -3.00 26.96
H2 GOL E . -29.76 0.42 26.58
HO2 GOL E . -31.78 -0.36 24.71
H31 GOL E . -32.53 1.09 27.19
H32 GOL E . -31.09 2.10 27.22
HO3 GOL E . -33.01 1.79 25.24
C1 GOL F . -29.07 -9.84 24.18
O1 GOL F . -29.67 -8.65 24.63
C2 GOL F . -27.69 -10.01 24.82
O2 GOL F . -27.71 -9.45 26.11
C3 GOL F . -27.30 -11.48 24.88
O3 GOL F . -25.93 -11.64 24.56
H11 GOL F . -29.70 -10.70 24.45
H12 GOL F . -28.98 -9.82 23.10
HO1 GOL F . -30.54 -8.53 24.18
H2 GOL F . -26.97 -9.48 24.20
HO2 GOL F . -28.35 -9.94 26.67
H31 GOL F . -27.50 -11.87 25.87
H32 GOL F . -27.89 -12.05 24.16
HO3 GOL F . -25.80 -11.59 23.59
C1 GOL G . -11.49 1.47 -0.63
O1 GOL G . -12.16 0.23 -0.68
C2 GOL G . -10.49 1.47 0.52
O2 GOL G . -10.19 0.12 0.85
C3 GOL G . -9.21 2.18 0.06
O3 GOL G . -8.70 2.96 1.12
C1 GOL H . -9.80 7.65 -5.77
O1 GOL H . -9.34 8.43 -4.68
C2 GOL H . -11.13 7.00 -5.43
O2 GOL H . -11.92 7.88 -4.66
C3 GOL H . -11.89 6.64 -6.71
O3 GOL H . -13.01 5.83 -6.40
H11 GOL H . -9.91 8.30 -6.65
H12 GOL H . -9.06 6.90 -6.01
HO1 GOL H . -8.46 8.79 -4.88
H2 GOL H . -10.95 6.08 -4.87
HO2 GOL H . -12.11 8.69 -5.18
H31 GOL H . -12.22 7.56 -7.21
H32 GOL H . -11.23 6.10 -7.39
HO3 GOL H . -13.18 5.23 -7.16
OH2 1PE I . -25.08 -10.31 21.21
C12 1PE I . -26.45 -10.06 21.20
C22 1PE I . -27.10 -10.92 20.10
OH3 1PE I . -28.49 -10.96 20.30
C13 1PE I . -30.45 -9.93 19.38
C23 1PE I . -29.13 -9.72 20.14
OH4 1PE I . -30.52 -9.00 18.34
C14 1PE I . -30.61 -9.14 15.95
C24 1PE I . -31.35 -9.37 17.26
OH5 1PE I . -30.05 -10.35 15.51
C15 1PE I . -29.00 -11.61 13.77
C25 1PE I . -29.24 -10.23 14.37
OH6 1PE I . -28.99 -11.51 12.38
C16 1PE I . -30.17 -11.22 10.32
C26 1PE I . -30.26 -11.63 11.78
OH7 1PE I . -31.02 -12.03 9.55
HO2 1PE I . -24.73 -10.04 20.49
H121 1PE I . -26.84 -10.29 22.06
H122 1PE I . -26.62 -9.12 21.00
H221 1PE I . -26.91 -10.54 19.23
H222 1PE I . -26.75 -11.83 20.14
H131 1PE I . -30.48 -10.82 19.02
H132 1PE I . -31.20 -9.80 19.99
H231 1PE I . -28.56 -9.13 19.63
H232 1PE I . -29.32 -9.34 21.00
H141 1PE I . -29.90 -8.49 16.08
H142 1PE I . -31.23 -8.81 15.28
H241 1PE I . -31.59 -10.30 17.34
H242 1PE I . -32.15 -8.83 17.27
H151 1PE I . -28.14 -11.95 14.08
H152 1PE I . -29.70 -12.21 14.05
H251 1PE I . -29.69 -9.66 13.72
H252 1PE I . -28.39 -9.82 14.61
H161 1PE I . -30.44 -10.30 10.22
H162 1PE I . -29.25 -11.32 10.01
H261 1PE I . -30.88 -11.05 12.25
H262 1PE I . -30.56 -12.54 11.85
HO7 1PE I . -30.61 -12.75 9.34
MG MG J . -16.71 16.04 3.65
PB G4P K . -16.38 15.52 7.01
O1B G4P K . -15.24 14.59 7.36
O2B G4P K . -17.68 14.77 7.11
O3B G4P K . -16.19 16.03 5.60
O3A G4P K . -16.37 16.79 8.07
PA G4P K . -14.99 17.57 8.56
O1A G4P K . -15.14 18.03 9.99
O2A G4P K . -13.82 16.61 8.46
O5' G4P K . -14.68 18.89 7.59
C5' G4P K . -15.39 19.08 6.39
C4' G4P K . -14.68 20.12 5.53
O4' G4P K . -13.66 21.03 6.44
C3' G4P K . -13.95 19.51 4.64
O3' G4P K . -14.19 20.13 3.29
C2' G4P K . -12.49 19.68 5.04
O2' G4P K . -11.70 19.83 3.94
C1' G4P K . -12.49 20.98 5.88
N9 G4P K . -11.42 20.89 6.91
C8 G4P K . -11.10 20.24 8.04
N7 G4P K . -9.90 20.71 8.45
C5 G4P K . -9.48 21.61 7.57
C6 G4P K . -8.21 22.47 7.50
O6 G4P K . -7.39 22.36 8.35
N1 G4P K . -8.02 23.39 6.43
C2 G4P K . -9.03 23.51 5.40
N2 G4P K . -8.83 24.44 4.32
N3 G4P K . -10.24 22.69 5.47
C4 G4P K . -10.44 21.73 6.60
PC G4P K . -15.33 19.43 2.32
O1C G4P K . -16.03 20.48 1.51
O2C G4P K . -16.31 18.65 3.17
O3C G4P K . -14.58 18.38 1.29
PD G4P K . -13.80 17.05 1.84
O1D G4P K . -13.35 16.25 0.64
O2D G4P K . -12.60 17.49 2.63
O3D G4P K . -14.72 16.26 2.71
C1 GOL L . 13.97 23.01 1.60
O1 GOL L . 14.17 23.18 2.99
C2 GOL L . 13.92 21.52 1.24
O2 GOL L . 14.33 20.75 2.35
C3 GOL L . 12.53 21.08 0.81
O3 GOL L . 12.63 20.19 -0.29
H11 GOL L . 13.04 23.49 1.31
H12 GOL L . 14.78 23.49 1.06
HO1 GOL L . 14.26 24.14 3.19
H2 GOL L . 14.62 21.35 0.41
HO2 GOL L . 13.69 20.87 3.08
H31 GOL L . 12.03 20.58 1.63
H32 GOL L . 11.94 21.94 0.52
HO3 GOL L . 12.13 20.57 -1.05
PB G4P M . 7.17 -11.04 -10.42
O1B G4P M . 5.95 -11.56 -11.16
O2B G4P M . 7.52 -12.01 -9.32
O3B G4P M . 6.87 -9.71 -9.79
O3A G4P M . 8.47 -10.90 -11.44
PA G4P M . 8.44 -10.00 -12.83
O1A G4P M . 9.17 -8.69 -12.65
O2A G4P M . 9.08 -10.77 -13.96
O5' G4P M . 6.84 -9.68 -13.18
C5' G4P M . 6.56 -8.97 -14.35
C4' G4P M . 5.10 -9.10 -14.77
O4' G4P M . 5.06 -8.91 -16.37
C3' G4P M . 4.58 -10.28 -14.52
O3' G4P M . 3.09 -10.18 -14.40
C2' G4P M . 4.96 -11.12 -15.76
O2' G4P M . 4.03 -12.07 -16.05
C1' G4P M . 5.03 -10.10 -16.91
N9 G4P M . 6.26 -10.36 -17.70
C8 G4P M . 7.58 -10.58 -17.54
N7 G4P M . 8.11 -10.77 -18.76
C5 G4P M . 7.13 -10.69 -19.65
C6 G4P M . 7.14 -10.82 -21.18
O6 G4P M . 8.17 -11.04 -21.72
N1 G4P M . 5.93 -10.67 -21.92
C2 G4P M . 4.69 -10.40 -21.23
N2 G4P M . 3.43 -10.26 -21.95
N3 G4P M . 4.70 -10.28 -19.77
C4 G4P M . 5.97 -10.43 -19.01
PC G4P M . 2.26 -11.29 -13.48
O1C G4P M . 2.86 -11.38 -12.09
O2C G4P M . 0.80 -10.85 -13.38
O3C G4P M . 2.32 -12.76 -14.20
PD G4P M . 3.03 -14.08 -13.54
O1D G4P M . 1.96 -15.01 -13.01
O2D G4P M . 3.83 -14.77 -14.61
O3D G4P M . 3.95 -13.68 -12.41
H5' G4P M . 6.76 -8.03 -14.20
H5'' G4P M . 7.12 -9.30 -15.07
H4' G4P M . 4.55 -8.41 -14.34
H3' G4P M . 4.97 -10.67 -13.72
H2' G4P M . 5.83 -11.54 -15.63
HO2' G4P M . 3.29 -11.70 -16.27
H1' G4P M . 4.24 -10.19 -17.48
H8 G4P M . 8.04 -10.58 -16.73
HN1 G4P M . 5.93 -10.75 -22.78
HN21 G4P M . 2.71 -10.10 -21.50
HN22 G4P M . 3.41 -10.33 -22.79
OH2 1PE N . 11.11 6.56 -9.85
C12 1PE N . 11.59 7.11 -8.65
C22 1PE N . 13.01 6.62 -8.37
OH3 1PE N . 13.41 5.70 -9.34
C13 1PE N . 13.73 3.61 -8.20
C23 1PE N . 12.89 4.41 -9.19
OH4 1PE N . 13.04 2.43 -7.88
C14 1PE N . 14.77 0.79 -7.66
C24 1PE N . 13.70 1.63 -6.94
OH5 1PE N . 15.98 0.90 -6.97
C15 1PE N . 18.38 0.85 -6.91
C25 1PE N . 17.11 0.69 -7.76
OH6 1PE N . 18.86 2.16 -7.00
C16 1PE N . 19.71 2.79 -4.85
C26 1PE N . 20.05 2.41 -6.29
OH7 1PE N . 20.82 2.55 -4.02
HO2 1PE N . 10.33 6.28 -9.73
H121 1PE N . 11.60 8.08 -8.72
H122 1PE N . 11.01 6.85 -7.92
H221 1PE N . 13.62 7.38 -8.37
H222 1PE N . 13.03 6.19 -7.50
H131 1PE N . 14.58 3.38 -8.60
H132 1PE N . 13.88 4.13 -7.40
H231 1PE N . 11.97 4.46 -8.87
H232 1PE N . 12.89 3.96 -10.05
H141 1PE N . 14.50 -0.14 -7.69
H142 1PE N . 14.89 1.13 -8.57
H241 1PE N . 14.13 2.19 -6.27
H242 1PE N . 13.07 1.03 -6.51
H151 1PE N . 18.18 0.64 -5.99
H152 1PE N . 19.07 0.23 -7.23
H251 1PE N . 17.09 -0.20 -8.13
H252 1PE N . 17.14 1.35 -8.48
H161 1PE N . 19.48 3.74 -4.81
H162 1PE N . 18.96 2.26 -4.54
H261 1PE N . 20.59 1.60 -6.30
H262 1PE N . 20.54 3.12 -6.72
HO7 1PE N . 21.23 3.28 -3.88
MG MG O . 4.24 -12.61 -10.56
#